data_1A4Q
#
_entry.id   1A4Q
#
_cell.length_a   88.300
_cell.length_b   88.300
_cell.length_c   221.100
_cell.angle_alpha   90.00
_cell.angle_beta   90.00
_cell.angle_gamma   120.00
#
_symmetry.space_group_name_H-M   'P 31 2 1'
#
loop_
_entity.id
_entity.type
_entity.pdbx_description
1 polymer NEURAMINIDASE
2 non-polymer 2-acetamido-2-deoxy-beta-D-glucopyranose
3 non-polymer 'CALCIUM ION'
4 non-polymer '5-ACETYLAMINO-4-AMINO-6-(PHENETHYL-PROPYL-CARBAMOYL)-5,6-DIHYDRO-4H-PYRAN-2-CARBOXYLIC ACID'
5 water water
#
_entity_poly.entity_id   1
_entity_poly.type   'polypeptide(L)'
_entity_poly.pdbx_seq_one_letter_code
;EPEWTYPRLSCQGSTFQKALLISPHRFGEARGNSAPLIIREPFIACGPKECKHFALTHYAAQPGGYYNGTREDRNKLRHL
ISVKLGKIPTVENSIFHMAAWSGSACHDGREWTYIGVDGPDSNALIKIKYGEAYTDTYHSYANNILRTQESACNCIGGDC
YLMITDGSASGISKCRFLKIREGRIIKEIFPTGRVEHTEECTCGFASNKTIECACRDNSYTAKRPFVKLNVETDTAEIRL
MCTETYLDTPRPDDGSITGPCESNGDKGRGGIKGGFVHQRMASKIGRWYSRTMSKTERMGMELYVRYDGDPWTDSDALAH
SGVMVSMKEPGWYSFGFEIKDKKCDVPCIGIEMVHDGGKKTWHSAATAIYCLMGSGQLLWDTVTGVDMAL
;
_entity_poly.pdbx_strand_id   A,B
#
# COMPACT_ATOMS: atom_id res chain seq x y z
N GLU A 1 25.69 -8.75 -5.03
CA GLU A 1 24.35 -8.25 -5.47
C GLU A 1 24.60 -6.79 -5.89
N PRO A 2 23.64 -5.91 -6.22
CA PRO A 2 23.82 -4.46 -6.21
C PRO A 2 24.55 -3.91 -4.99
N GLU A 3 25.46 -2.98 -5.23
CA GLU A 3 26.19 -2.22 -4.22
C GLU A 3 25.16 -1.31 -3.56
N TRP A 4 25.35 -0.96 -2.31
CA TRP A 4 24.57 0.06 -1.64
C TRP A 4 25.03 1.39 -2.28
N THR A 5 24.11 2.30 -2.31
CA THR A 5 24.24 3.67 -2.78
C THR A 5 24.78 4.64 -1.73
N TYR A 6 25.53 5.64 -2.21
CA TYR A 6 26.11 6.74 -1.41
C TYR A 6 25.95 8.05 -2.16
N PRO A 7 25.85 9.23 -1.51
CA PRO A 7 25.95 10.52 -2.23
C PRO A 7 27.30 10.63 -2.96
N ARG A 8 27.35 11.18 -4.16
CA ARG A 8 28.58 11.33 -4.96
C ARG A 8 28.74 12.82 -5.23
N LEU A 9 29.85 13.31 -5.76
CA LEU A 9 29.96 14.72 -6.14
C LEU A 9 28.94 14.99 -7.25
N SER A 10 28.39 16.19 -7.23
CA SER A 10 27.42 16.60 -8.20
C SER A 10 28.05 16.76 -9.58
N CYS A 11 27.26 16.59 -10.64
CA CYS A 11 27.70 16.84 -12.01
C CYS A 11 27.99 18.35 -12.09
N GLN A 12 28.87 18.69 -13.01
CA GLN A 12 29.33 20.05 -13.22
C GLN A 12 28.13 20.89 -13.65
N GLY A 13 27.99 22.11 -13.19
CA GLY A 13 26.92 22.98 -13.61
C GLY A 13 26.89 24.16 -12.68
N SER A 14 26.23 25.27 -13.00
CA SER A 14 26.18 26.43 -12.11
C SER A 14 24.83 27.18 -12.21
N THR A 15 23.85 26.64 -12.92
CA THR A 15 22.52 27.22 -12.96
C THR A 15 21.53 26.06 -13.10
N PHE A 16 20.30 26.26 -12.65
CA PHE A 16 19.23 25.30 -12.93
C PHE A 16 18.58 25.80 -14.22
N GLN A 17 17.88 24.85 -14.85
CA GLN A 17 17.04 25.06 -16.03
C GLN A 17 15.76 24.22 -15.92
N LYS A 18 14.70 24.68 -16.60
CA LYS A 18 13.42 23.99 -16.70
C LYS A 18 13.68 22.65 -17.36
N ALA A 19 13.24 21.58 -16.71
CA ALA A 19 13.48 20.24 -17.27
C ALA A 19 12.22 19.57 -17.81
N LEU A 20 11.15 19.49 -17.03
CA LEU A 20 10.02 18.63 -17.34
C LEU A 20 8.80 19.09 -16.55
N LEU A 21 7.61 19.03 -17.14
CA LEU A 21 6.37 19.37 -16.43
C LEU A 21 5.50 18.09 -16.48
N ILE A 22 4.94 17.60 -15.36
CA ILE A 22 4.00 16.51 -15.43
C ILE A 22 2.71 17.20 -15.04
N SER A 23 1.79 17.37 -15.99
CA SER A 23 0.57 18.09 -15.75
C SER A 23 -0.53 17.13 -16.16
N PRO A 24 -0.95 16.19 -15.27
CA PRO A 24 -1.90 15.12 -15.63
C PRO A 24 -3.29 15.63 -16.02
N HIS A 25 -3.68 16.77 -15.43
CA HIS A 25 -5.02 17.33 -15.63
C HIS A 25 -5.15 18.10 -16.93
N ARG A 26 -4.04 18.14 -17.66
CA ARG A 26 -4.12 18.56 -19.05
C ARG A 26 -4.96 17.56 -19.83
N PHE A 27 -5.18 16.36 -19.27
CA PHE A 27 -6.02 15.37 -19.92
C PHE A 27 -7.24 15.00 -19.08
N GLY A 28 -7.64 15.83 -18.13
CA GLY A 28 -8.81 15.50 -17.32
C GLY A 28 -10.13 16.12 -17.78
N GLU A 29 -10.32 16.64 -18.99
CA GLU A 29 -11.53 17.34 -19.39
C GLU A 29 -12.70 16.36 -19.39
N ALA A 30 -13.93 16.79 -19.16
CA ALA A 30 -15.05 15.87 -19.15
C ALA A 30 -15.27 15.28 -20.55
N ARG A 31 -14.88 15.97 -21.61
CA ARG A 31 -15.06 15.45 -22.94
C ARG A 31 -13.87 14.62 -23.37
N GLY A 32 -12.82 14.47 -22.56
CA GLY A 32 -11.63 13.73 -22.97
C GLY A 32 -11.80 12.27 -22.57
N ASN A 33 -10.75 11.48 -22.70
CA ASN A 33 -10.84 10.04 -22.45
C ASN A 33 -9.81 9.50 -21.46
N SER A 34 -9.21 10.37 -20.64
CA SER A 34 -8.17 9.98 -19.69
C SER A 34 -8.66 10.01 -18.23
N ALA A 35 -7.83 9.43 -17.37
CA ALA A 35 -8.15 9.29 -15.96
C ALA A 35 -6.96 9.69 -15.11
N PRO A 36 -6.48 10.95 -15.14
CA PRO A 36 -5.51 11.43 -14.18
C PRO A 36 -6.08 11.28 -12.76
N LEU A 37 -5.20 10.81 -11.89
CA LEU A 37 -5.52 10.64 -10.49
C LEU A 37 -5.48 11.98 -9.79
N ILE A 38 -6.45 12.20 -8.91
CA ILE A 38 -6.53 13.40 -8.09
C ILE A 38 -5.54 13.12 -6.94
N ILE A 39 -4.58 14.02 -6.80
CA ILE A 39 -3.46 13.88 -5.87
C ILE A 39 -3.08 15.21 -5.20
N ARG A 40 -2.24 15.17 -4.18
CA ARG A 40 -1.51 16.33 -3.69
C ARG A 40 -0.24 15.75 -3.05
N GLU A 41 0.59 16.62 -2.51
CA GLU A 41 1.93 16.29 -1.97
C GLU A 41 2.82 15.35 -2.83
N PRO A 42 3.05 15.68 -4.11
CA PRO A 42 3.98 14.95 -4.95
C PRO A 42 5.43 15.10 -4.52
N PHE A 43 6.26 14.10 -4.81
CA PHE A 43 7.71 14.22 -4.62
C PHE A 43 8.37 13.20 -5.54
N ILE A 44 9.68 13.26 -5.74
CA ILE A 44 10.36 12.36 -6.67
C ILE A 44 11.57 11.82 -5.89
N ALA A 45 11.95 10.56 -6.12
CA ALA A 45 13.13 9.95 -5.53
C ALA A 45 13.67 9.10 -6.66
N CYS A 46 14.95 9.00 -6.79
CA CYS A 46 15.59 8.23 -7.86
C CYS A 46 16.45 7.08 -7.34
N GLY A 47 16.51 6.00 -8.11
CA GLY A 47 17.43 4.91 -7.85
C GLY A 47 18.58 5.03 -8.83
N PRO A 48 19.45 4.04 -9.08
CA PRO A 48 20.52 4.17 -10.06
C PRO A 48 20.07 4.25 -11.51
N LYS A 49 18.94 3.70 -11.88
CA LYS A 49 18.56 3.70 -13.28
C LYS A 49 17.25 4.41 -13.62
N GLU A 50 16.46 4.86 -12.64
CA GLU A 50 15.12 5.38 -12.89
C GLU A 50 14.66 6.21 -11.70
N CYS A 51 13.79 7.16 -11.96
CA CYS A 51 13.18 7.97 -10.92
C CYS A 51 11.71 7.61 -10.88
N LYS A 52 11.10 7.75 -9.71
CA LYS A 52 9.68 7.49 -9.51
C LYS A 52 9.10 8.76 -8.95
N HIS A 53 7.90 9.04 -9.42
CA HIS A 53 7.14 10.26 -9.15
C HIS A 53 6.03 9.76 -8.25
N PHE A 54 6.12 10.13 -6.99
CA PHE A 54 5.19 9.75 -5.91
C PHE A 54 4.19 10.86 -5.65
N ALA A 55 3.04 10.51 -5.06
CA ALA A 55 2.05 11.45 -4.60
C ALA A 55 1.07 10.69 -3.72
N LEU A 56 0.21 11.45 -3.04
CA LEU A 56 -0.88 10.95 -2.19
C LEU A 56 -2.18 11.15 -2.93
N THR A 57 -2.75 10.10 -3.48
CA THR A 57 -4.01 10.22 -4.20
C THR A 57 -5.18 10.25 -3.22
N HIS A 58 -6.29 10.86 -3.64
CA HIS A 58 -7.56 10.76 -2.91
C HIS A 58 -8.34 9.56 -3.45
N TYR A 59 -7.75 8.73 -4.31
CA TYR A 59 -8.31 7.50 -4.86
C TYR A 59 -9.51 7.87 -5.73
N ALA A 60 -9.33 8.87 -6.57
CA ALA A 60 -10.40 9.41 -7.40
C ALA A 60 -9.72 9.94 -8.67
N ALA A 61 -10.41 9.95 -9.80
CA ALA A 61 -9.89 10.44 -11.07
C ALA A 61 -10.73 11.61 -11.58
N GLN A 62 -10.11 12.39 -12.47
CA GLN A 62 -10.80 13.47 -13.16
C GLN A 62 -10.89 13.07 -14.65
N PRO A 63 -12.05 13.01 -15.34
CA PRO A 63 -13.37 13.30 -14.75
C PRO A 63 -13.89 12.18 -13.86
N GLY A 64 -14.74 12.47 -12.89
CA GLY A 64 -15.29 11.43 -12.03
C GLY A 64 -16.33 11.99 -11.07
N GLY A 65 -16.79 11.23 -10.10
CA GLY A 65 -17.83 11.67 -9.21
C GLY A 65 -17.47 11.72 -7.74
N TYR A 66 -16.19 11.70 -7.42
CA TYR A 66 -15.73 11.73 -6.03
C TYR A 66 -14.88 12.97 -5.73
N TYR A 67 -15.21 14.11 -6.32
CA TYR A 67 -14.46 15.31 -6.01
C TYR A 67 -14.69 15.79 -4.59
N ASN A 68 -15.86 15.60 -4.00
CA ASN A 68 -16.11 16.16 -2.68
C ASN A 68 -15.30 15.38 -1.67
N GLY A 69 -14.53 16.17 -0.94
CA GLY A 69 -13.60 15.64 0.03
C GLY A 69 -12.17 15.64 -0.46
N THR A 70 -11.88 16.01 -1.71
CA THR A 70 -10.50 15.95 -2.19
C THR A 70 -9.66 17.14 -1.74
N ARG A 71 -10.20 18.09 -1.00
CA ARG A 71 -9.39 19.17 -0.49
C ARG A 71 -9.11 18.90 0.99
N GLU A 72 -9.40 17.73 1.53
CA GLU A 72 -9.08 17.46 2.93
C GLU A 72 -7.78 16.66 3.00
N ASP A 73 -7.08 16.88 4.09
CA ASP A 73 -5.77 16.26 4.30
C ASP A 73 -5.73 14.76 4.57
N ARG A 74 -6.61 14.25 5.45
CA ARG A 74 -6.50 12.86 5.90
C ARG A 74 -7.85 12.19 5.82
N ASN A 75 -7.93 10.94 5.46
CA ASN A 75 -9.17 10.19 5.44
C ASN A 75 -8.73 8.75 5.22
N LYS A 76 -9.69 7.86 5.15
CA LYS A 76 -9.45 6.42 5.04
C LYS A 76 -9.19 5.92 3.63
N LEU A 77 -9.19 6.79 2.66
CA LEU A 77 -9.02 6.38 1.27
C LEU A 77 -7.67 6.82 0.68
N ARG A 78 -7.00 7.84 1.21
CA ARG A 78 -5.76 8.33 0.58
C ARG A 78 -4.67 7.24 0.58
N HIS A 79 -3.96 7.15 -0.55
CA HIS A 79 -2.92 6.15 -0.78
C HIS A 79 -1.67 6.78 -1.41
N LEU A 80 -0.51 6.22 -1.11
CA LEU A 80 0.76 6.58 -1.73
C LEU A 80 0.79 5.81 -3.04
N ILE A 81 0.99 6.52 -4.14
CA ILE A 81 1.06 5.96 -5.49
C ILE A 81 2.33 6.43 -6.18
N SER A 82 2.74 5.78 -7.23
CA SER A 82 3.82 6.28 -8.06
C SER A 82 3.68 5.78 -9.48
N VAL A 83 4.45 6.46 -10.34
CA VAL A 83 4.70 6.12 -11.72
C VAL A 83 6.19 6.42 -11.90
N LYS A 84 6.77 5.83 -12.94
CA LYS A 84 8.14 6.15 -13.36
C LYS A 84 8.03 7.63 -13.85
N LEU A 85 9.03 8.44 -13.49
CA LEU A 85 9.07 9.85 -13.85
C LEU A 85 9.05 9.97 -15.37
N GLY A 86 8.15 10.82 -15.84
CA GLY A 86 7.91 10.96 -17.27
C GLY A 86 6.63 10.30 -17.73
N LYS A 87 6.03 9.39 -16.97
CA LYS A 87 4.77 8.80 -17.36
C LYS A 87 3.66 9.61 -16.74
N ILE A 88 2.45 9.69 -17.31
CA ILE A 88 1.40 10.49 -16.70
C ILE A 88 0.73 9.61 -15.62
N PRO A 89 0.61 10.09 -14.36
CA PRO A 89 0.03 9.32 -13.23
C PRO A 89 -1.49 9.16 -13.34
N THR A 90 -1.95 8.24 -14.19
CA THR A 90 -3.36 7.97 -14.35
C THR A 90 -3.69 6.71 -13.51
N VAL A 91 -4.97 6.32 -13.51
CA VAL A 91 -5.51 5.15 -12.80
C VAL A 91 -4.71 3.90 -13.13
N GLU A 92 -4.47 3.77 -14.43
CA GLU A 92 -3.82 2.57 -14.90
C GLU A 92 -2.32 2.64 -14.88
N ASN A 93 -1.70 3.78 -15.22
CA ASN A 93 -0.24 3.81 -15.16
C ASN A 93 0.32 3.72 -13.73
N SER A 94 -0.40 4.18 -12.70
CA SER A 94 0.10 4.17 -11.32
C SER A 94 0.09 2.78 -10.65
N ILE A 95 0.90 2.72 -9.59
CA ILE A 95 1.06 1.59 -8.67
C ILE A 95 0.48 2.15 -7.38
N PHE A 96 -0.34 1.42 -6.64
CA PHE A 96 -0.77 1.83 -5.30
C PHE A 96 0.10 1.05 -4.31
N HIS A 97 0.88 1.76 -3.52
CA HIS A 97 1.81 1.13 -2.62
C HIS A 97 1.18 0.70 -1.28
N MET A 98 0.42 1.62 -0.68
CA MET A 98 -0.18 1.44 0.64
C MET A 98 -1.05 2.60 1.00
N ALA A 99 -1.94 2.39 1.97
CA ALA A 99 -2.80 3.43 2.52
C ALA A 99 -1.90 4.45 3.25
N ALA A 100 -2.15 5.72 3.01
CA ALA A 100 -1.28 6.79 3.50
C ALA A 100 -1.87 8.15 3.23
N TRP A 101 -1.87 9.00 4.24
CA TRP A 101 -2.21 10.40 4.05
C TRP A 101 -0.99 11.26 4.39
N SER A 102 0.18 10.67 4.57
CA SER A 102 1.46 11.38 4.68
C SER A 102 2.49 10.37 4.18
N GLY A 103 3.49 10.72 3.37
CA GLY A 103 4.43 9.77 2.81
C GLY A 103 5.88 10.21 2.60
N SER A 104 6.63 9.20 2.16
CA SER A 104 8.03 9.32 1.78
C SER A 104 8.43 8.00 1.11
N ALA A 105 9.59 8.00 0.45
CA ALA A 105 10.14 6.80 -0.18
C ALA A 105 11.58 7.07 -0.61
N CYS A 106 12.39 6.06 -0.86
CA CYS A 106 13.79 6.21 -1.26
C CYS A 106 14.38 4.85 -1.60
N HIS A 107 15.42 4.88 -2.42
CA HIS A 107 16.06 3.69 -2.92
C HIS A 107 17.43 3.72 -2.28
N ASP A 108 17.87 2.56 -1.87
CA ASP A 108 19.16 2.42 -1.20
C ASP A 108 20.30 1.84 -1.99
N GLY A 109 20.03 1.58 -3.27
CA GLY A 109 20.99 0.90 -4.13
C GLY A 109 20.53 -0.49 -4.53
N ARG A 110 19.84 -1.16 -3.65
CA ARG A 110 19.29 -2.51 -3.88
C ARG A 110 17.78 -2.57 -4.01
N GLU A 111 17.03 -1.73 -3.26
CA GLU A 111 15.59 -1.83 -3.20
C GLU A 111 14.97 -0.52 -2.67
N TRP A 112 13.68 -0.33 -2.92
CA TRP A 112 12.86 0.79 -2.52
C TRP A 112 12.22 0.60 -1.16
N THR A 113 12.18 1.68 -0.40
CA THR A 113 11.56 1.72 0.93
C THR A 113 10.44 2.71 0.73
N TYR A 114 9.19 2.32 1.09
CA TYR A 114 8.03 3.17 0.96
C TYR A 114 7.56 3.42 2.39
N ILE A 115 7.17 4.65 2.71
CA ILE A 115 6.73 5.02 4.04
C ILE A 115 5.34 5.66 3.90
N GLY A 116 4.33 5.16 4.61
CA GLY A 116 3.01 5.78 4.50
C GLY A 116 2.37 5.86 5.87
N VAL A 117 1.83 7.00 6.30
CA VAL A 117 1.20 7.17 7.59
C VAL A 117 -0.30 7.12 7.42
N ASP A 118 -1.01 6.30 8.19
CA ASP A 118 -2.46 6.46 8.26
C ASP A 118 -2.89 6.15 9.70
N GLY A 119 -4.17 5.96 9.90
CA GLY A 119 -4.69 5.75 11.24
C GLY A 119 -5.44 6.99 11.68
N PRO A 120 -6.13 6.94 12.82
CA PRO A 120 -6.89 8.07 13.36
C PRO A 120 -5.92 9.15 13.79
N ASP A 121 -6.32 10.42 13.75
CA ASP A 121 -5.48 11.54 14.17
C ASP A 121 -4.85 11.37 15.53
N SER A 122 -5.63 10.94 16.52
CA SER A 122 -5.08 10.78 17.85
C SER A 122 -4.14 9.58 17.95
N ASN A 123 -4.03 8.69 16.99
CA ASN A 123 -3.17 7.52 17.14
C ASN A 123 -2.83 6.88 15.77
N ALA A 124 -1.98 7.64 15.07
CA ALA A 124 -1.67 7.28 13.71
C ALA A 124 -0.45 6.38 13.68
N LEU A 125 -0.08 5.96 12.49
CA LEU A 125 0.93 4.92 12.31
C LEU A 125 1.83 5.07 11.06
N ILE A 126 3.14 5.09 11.23
CA ILE A 126 4.14 5.09 10.15
C ILE A 126 4.19 3.63 9.74
N LYS A 127 3.98 3.26 8.48
CA LYS A 127 4.10 1.88 8.02
C LYS A 127 5.25 1.86 7.03
N ILE A 128 6.11 0.86 7.07
CA ILE A 128 7.26 0.81 6.21
C ILE A 128 7.17 -0.47 5.38
N LYS A 129 7.40 -0.30 4.08
CA LYS A 129 7.42 -1.37 3.12
C LYS A 129 8.78 -1.38 2.38
N TYR A 130 9.37 -2.56 2.22
CA TYR A 130 10.66 -2.70 1.58
C TYR A 130 10.32 -3.56 0.39
N GLY A 131 10.32 -2.98 -0.80
CA GLY A 131 9.87 -3.75 -1.96
C GLY A 131 8.39 -4.08 -1.81
N GLU A 132 8.03 -5.36 -1.88
CA GLU A 132 6.66 -5.85 -1.74
C GLU A 132 6.21 -6.04 -0.30
N ALA A 133 7.14 -6.26 0.61
CA ALA A 133 6.83 -6.67 1.97
C ALA A 133 6.69 -5.54 2.98
N TYR A 134 5.56 -5.55 3.69
CA TYR A 134 5.34 -4.64 4.80
C TYR A 134 6.27 -5.18 5.89
N THR A 135 7.15 -4.35 6.43
CA THR A 135 8.22 -4.79 7.29
C THR A 135 8.25 -4.18 8.68
N ASP A 136 7.70 -3.01 8.90
CA ASP A 136 7.75 -2.39 10.21
C ASP A 136 6.79 -1.24 10.37
N THR A 137 6.51 -0.82 11.62
CA THR A 137 5.72 0.37 11.92
C THR A 137 6.33 1.17 13.04
N TYR A 138 5.84 2.38 13.27
CA TYR A 138 6.29 3.22 14.36
C TYR A 138 5.05 3.91 14.86
N HIS A 139 4.88 4.02 16.17
CA HIS A 139 3.66 4.51 16.83
C HIS A 139 3.71 6.01 17.09
N SER A 140 2.53 6.60 17.27
CA SER A 140 2.32 7.99 17.59
C SER A 140 2.84 8.20 18.99
N TYR A 141 3.86 9.05 19.17
CA TYR A 141 4.43 9.32 20.48
C TYR A 141 3.90 10.56 21.16
N ALA A 142 3.04 11.31 20.47
CA ALA A 142 2.47 12.52 21.05
C ALA A 142 0.99 12.56 20.74
N ASN A 143 0.37 11.53 20.17
CA ASN A 143 -1.06 11.44 19.86
C ASN A 143 -1.74 12.65 19.21
N ASN A 144 -0.98 13.28 18.32
CA ASN A 144 -1.56 14.35 17.52
C ASN A 144 -0.99 14.34 16.11
N ILE A 145 -1.56 13.47 15.26
CA ILE A 145 -1.21 13.41 13.82
C ILE A 145 0.28 13.17 13.52
N LEU A 146 0.73 11.97 13.87
CA LEU A 146 2.08 11.50 13.53
C LEU A 146 2.17 11.72 12.01
N ARG A 147 3.26 12.23 11.47
CA ARG A 147 3.33 12.62 10.07
C ARG A 147 4.78 12.66 9.60
N THR A 148 5.04 12.74 8.29
CA THR A 148 6.42 12.74 7.83
C THR A 148 6.64 13.74 6.66
N GLN A 149 7.75 13.57 5.97
CA GLN A 149 8.34 14.52 5.04
C GLN A 149 7.54 15.07 3.87
N GLU A 150 6.87 14.17 3.15
CA GLU A 150 6.22 14.43 1.85
C GLU A 150 7.35 14.68 0.85
N SER A 151 8.52 14.06 1.04
CA SER A 151 9.63 14.06 0.08
C SER A 151 10.55 12.88 0.37
N ALA A 152 11.52 12.65 -0.49
CA ALA A 152 12.38 11.52 -0.44
C ALA A 152 13.14 11.35 0.87
N CYS A 153 13.20 10.10 1.34
CA CYS A 153 14.12 9.86 2.42
C CYS A 153 15.50 9.68 1.77
N ASN A 154 16.53 9.45 2.57
CA ASN A 154 17.93 9.53 2.13
C ASN A 154 18.76 8.38 2.65
N CYS A 155 19.29 7.53 1.80
CA CYS A 155 19.99 6.31 2.16
C CYS A 155 21.46 6.38 1.85
N ILE A 156 22.28 5.89 2.75
CA ILE A 156 23.72 5.85 2.58
C ILE A 156 24.17 4.51 3.15
N GLY A 157 24.79 3.71 2.32
CA GLY A 157 25.31 2.43 2.79
C GLY A 157 24.28 1.48 3.30
N GLY A 158 23.04 1.66 2.85
CA GLY A 158 21.93 0.85 3.27
C GLY A 158 21.16 1.44 4.42
N ASP A 159 21.65 2.53 5.00
CA ASP A 159 20.91 3.16 6.08
C ASP A 159 20.09 4.32 5.52
N CYS A 160 18.76 4.26 5.64
CA CYS A 160 17.87 5.31 5.18
C CYS A 160 17.29 6.15 6.31
N TYR A 161 17.44 7.46 6.25
CA TYR A 161 17.05 8.40 7.27
C TYR A 161 15.77 9.12 6.91
N LEU A 162 14.88 9.34 7.89
CA LEU A 162 13.55 9.89 7.66
C LEU A 162 13.15 10.79 8.80
N MET A 163 12.69 12.01 8.53
CA MET A 163 12.23 12.94 9.58
C MET A 163 10.76 12.64 9.76
N ILE A 164 10.33 12.65 11.01
CA ILE A 164 8.92 12.47 11.35
C ILE A 164 8.61 13.49 12.44
N THR A 165 7.35 13.81 12.67
CA THR A 165 6.99 14.59 13.83
C THR A 165 5.56 14.16 14.24
N ASP A 166 5.11 14.71 15.35
CA ASP A 166 3.87 14.36 16.00
C ASP A 166 3.65 15.48 17.02
N GLY A 167 2.43 15.91 17.26
CA GLY A 167 2.18 16.95 18.25
C GLY A 167 1.57 18.13 17.55
N SER A 168 1.43 19.26 18.19
CA SER A 168 0.70 20.37 17.60
C SER A 168 1.30 21.15 16.38
N ALA A 169 0.53 21.30 15.29
CA ALA A 169 0.90 22.12 14.14
C ALA A 169 0.79 23.57 14.54
N SER A 170 0.16 23.89 15.67
CA SER A 170 0.04 25.26 16.16
C SER A 170 0.85 25.49 17.47
N GLY A 171 1.42 24.45 18.10
CA GLY A 171 2.17 24.59 19.34
C GLY A 171 3.54 23.95 19.25
N ILE A 172 3.78 22.92 20.06
CA ILE A 172 5.08 22.21 20.06
C ILE A 172 4.95 20.92 19.20
N SER A 173 5.92 20.66 18.35
CA SER A 173 5.97 19.44 17.58
C SER A 173 7.43 19.09 17.75
N LYS A 174 7.79 18.20 18.67
CA LYS A 174 9.19 17.80 18.72
C LYS A 174 9.36 16.63 17.75
N CYS A 175 10.17 16.88 16.73
CA CYS A 175 10.39 15.93 15.66
C CYS A 175 11.45 14.92 16.05
N ARG A 176 11.61 13.89 15.25
CA ARG A 176 12.57 12.81 15.45
C ARG A 176 13.00 12.31 14.08
N PHE A 177 14.13 11.63 14.05
CA PHE A 177 14.58 11.00 12.85
C PHE A 177 14.62 9.51 13.01
N LEU A 178 14.19 8.75 12.01
CA LEU A 178 14.29 7.28 12.09
C LEU A 178 15.40 6.85 11.14
N LYS A 179 16.20 5.86 11.54
CA LYS A 179 17.22 5.21 10.73
C LYS A 179 16.65 3.82 10.40
N ILE A 180 16.40 3.58 9.12
CA ILE A 180 15.69 2.40 8.64
C ILE A 180 16.65 1.61 7.75
N ARG A 181 16.82 0.32 7.96
CA ARG A 181 17.70 -0.48 7.12
C ARG A 181 16.91 -1.70 6.71
N GLU A 182 16.82 -1.98 5.42
CA GLU A 182 16.04 -3.05 4.83
C GLU A 182 14.59 -3.14 5.38
N GLY A 183 14.03 -1.94 5.47
CA GLY A 183 12.64 -1.74 5.86
C GLY A 183 12.43 -1.77 7.36
N ARG A 184 13.45 -1.91 8.22
CA ARG A 184 13.27 -1.97 9.66
C ARG A 184 13.98 -0.85 10.40
N ILE A 185 13.28 -0.22 11.34
CA ILE A 185 13.83 0.85 12.16
C ILE A 185 14.91 0.28 13.08
N ILE A 186 16.14 0.73 12.88
CA ILE A 186 17.27 0.31 13.67
C ILE A 186 17.79 1.42 14.59
N LYS A 187 17.27 2.65 14.56
CA LYS A 187 17.63 3.70 15.51
C LYS A 187 16.64 4.86 15.45
N GLU A 188 16.45 5.50 16.60
CA GLU A 188 15.57 6.65 16.75
C GLU A 188 16.48 7.73 17.26
N ILE A 189 16.49 8.83 16.52
CA ILE A 189 17.35 9.97 16.82
C ILE A 189 16.50 11.10 17.37
N PHE A 190 16.84 11.56 18.56
CA PHE A 190 16.16 12.65 19.25
C PHE A 190 17.05 13.89 19.04
N PRO A 191 16.66 14.87 18.22
CA PRO A 191 17.44 16.08 17.93
C PRO A 191 17.62 16.96 19.15
N THR A 192 18.55 17.86 19.00
CA THR A 192 18.94 18.77 20.04
C THR A 192 18.80 20.20 19.45
N GLY A 193 18.74 21.21 20.30
CA GLY A 193 18.73 22.59 19.89
C GLY A 193 17.32 23.12 19.87
N ARG A 194 17.00 23.73 18.75
CA ARG A 194 15.69 24.33 18.54
C ARG A 194 14.77 23.23 18.00
N VAL A 195 14.18 22.48 18.90
CA VAL A 195 13.37 21.31 18.55
C VAL A 195 11.87 21.52 18.77
N GLU A 196 11.44 22.71 19.07
CA GLU A 196 10.05 22.98 19.38
C GLU A 196 9.12 22.85 18.20
N HIS A 197 9.47 23.13 16.95
CA HIS A 197 8.42 23.02 15.94
C HIS A 197 9.05 22.89 14.57
N THR A 198 9.20 21.66 14.14
CA THR A 198 9.81 21.33 12.87
C THR A 198 8.87 20.47 12.05
N GLU A 199 8.48 20.89 10.86
CA GLU A 199 7.55 20.17 10.01
C GLU A 199 8.12 19.87 8.64
N GLU A 200 7.67 18.81 7.99
CA GLU A 200 7.91 18.52 6.57
C GLU A 200 9.32 18.84 6.04
N CYS A 201 10.28 18.23 6.71
CA CYS A 201 11.64 18.53 6.36
C CYS A 201 11.99 18.01 4.98
N THR A 202 12.73 18.86 4.26
CA THR A 202 13.29 18.47 2.97
C THR A 202 14.77 18.25 3.22
N CYS A 203 15.18 17.00 3.09
CA CYS A 203 16.51 16.57 3.46
C CYS A 203 17.34 16.06 2.32
N GLY A 204 18.65 16.13 2.47
CA GLY A 204 19.56 15.58 1.48
C GLY A 204 20.95 15.51 2.06
N PHE A 205 21.87 14.83 1.40
CA PHE A 205 23.24 14.73 1.86
C PHE A 205 24.10 15.93 1.54
N ALA A 206 24.72 16.48 2.58
CA ALA A 206 25.69 17.55 2.38
C ALA A 206 27.03 16.91 2.09
N SER A 207 27.25 15.67 2.54
CA SER A 207 28.48 14.88 2.35
C SER A 207 28.10 13.45 2.75
N ASN A 208 29.05 12.54 2.74
CA ASN A 208 28.87 11.19 3.27
C ASN A 208 28.71 11.23 4.78
N LYS A 209 29.03 12.33 5.45
CA LYS A 209 28.94 12.38 6.89
C LYS A 209 27.75 13.20 7.40
N THR A 210 27.03 13.99 6.58
CA THR A 210 26.05 14.92 7.09
C THR A 210 24.83 15.00 6.21
N ILE A 211 23.64 14.88 6.81
CA ILE A 211 22.37 15.14 6.13
C ILE A 211 21.96 16.50 6.66
N GLU A 212 21.39 17.32 5.80
CA GLU A 212 20.85 18.63 6.16
C GLU A 212 19.44 18.71 5.69
N CYS A 213 18.59 19.44 6.38
CA CYS A 213 17.20 19.55 5.97
C CYS A 213 16.75 20.96 6.19
N ALA A 214 15.86 21.47 5.34
CA ALA A 214 15.26 22.77 5.54
C ALA A 214 13.80 22.40 5.75
N CYS A 215 13.22 22.88 6.85
CA CYS A 215 11.91 22.46 7.30
C CYS A 215 10.94 23.61 7.44
N ARG A 216 9.70 23.37 7.89
CA ARG A 216 8.68 24.38 8.09
C ARG A 216 8.30 24.46 9.58
N ASP A 217 8.22 25.68 10.11
CA ASP A 217 7.69 25.92 11.45
C ASP A 217 6.33 26.50 11.13
N ASN A 218 5.28 25.77 11.44
CA ASN A 218 3.93 26.25 11.21
C ASN A 218 3.42 27.20 12.27
N SER A 219 4.11 27.58 13.36
CA SER A 219 3.46 28.52 14.27
C SER A 219 4.16 29.79 14.66
N TYR A 220 5.49 29.71 14.76
CA TYR A 220 6.33 30.79 15.28
C TYR A 220 7.23 31.55 14.35
N THR A 221 7.62 31.03 13.19
CA THR A 221 8.56 31.80 12.37
C THR A 221 8.43 31.49 10.88
N ALA A 222 8.84 32.45 10.04
CA ALA A 222 8.95 32.30 8.58
C ALA A 222 10.38 31.99 8.16
N LYS A 223 11.26 31.97 9.15
CA LYS A 223 12.60 31.43 8.95
C LYS A 223 12.41 29.90 8.92
N ARG A 224 13.12 29.14 8.10
CA ARG A 224 13.00 27.68 8.09
C ARG A 224 13.89 27.08 9.17
N PRO A 225 13.37 26.13 10.00
CA PRO A 225 14.19 25.23 10.82
C PRO A 225 15.16 24.47 9.92
N PHE A 226 16.46 24.43 10.31
CA PHE A 226 17.49 23.81 9.52
C PHE A 226 18.20 22.73 10.34
N VAL A 227 18.19 21.49 9.83
CA VAL A 227 18.70 20.32 10.54
C VAL A 227 20.07 19.96 9.99
N LYS A 228 21.04 19.69 10.86
CA LYS A 228 22.30 19.10 10.53
C LYS A 228 22.33 17.78 11.33
N LEU A 229 22.47 16.66 10.63
CA LEU A 229 22.39 15.34 11.21
C LEU A 229 23.67 14.67 10.85
N ASN A 230 24.39 14.24 11.88
CA ASN A 230 25.63 13.50 11.65
C ASN A 230 25.27 12.03 11.56
N VAL A 231 25.53 11.46 10.39
CA VAL A 231 25.17 10.10 10.04
C VAL A 231 26.01 9.08 10.77
N GLU A 232 27.22 9.42 11.19
CA GLU A 232 28.14 8.52 11.87
C GLU A 232 27.87 8.37 13.36
N THR A 233 27.46 9.43 14.05
CA THR A 233 27.07 9.37 15.47
C THR A 233 25.58 9.21 15.69
N ASP A 234 24.80 9.46 14.62
CA ASP A 234 23.36 9.45 14.65
C ASP A 234 22.81 10.43 15.69
N THR A 235 23.23 11.67 15.50
CA THR A 235 22.84 12.80 16.31
C THR A 235 22.39 13.92 15.37
N ALA A 236 21.44 14.73 15.79
CA ALA A 236 20.95 15.84 14.99
C ALA A 236 20.79 17.05 15.89
N GLU A 237 21.05 18.23 15.32
CA GLU A 237 20.84 19.50 15.98
C GLU A 237 20.04 20.39 15.02
N ILE A 238 19.12 21.21 15.53
CA ILE A 238 18.26 22.01 14.67
C ILE A 238 18.40 23.46 15.13
N ARG A 239 18.53 24.42 14.22
CA ARG A 239 18.52 25.84 14.57
C ARG A 239 17.86 26.52 13.38
N LEU A 240 17.33 27.73 13.51
CA LEU A 240 16.74 28.44 12.38
C LEU A 240 17.82 28.86 11.37
N MET A 241 17.39 28.93 10.12
CA MET A 241 18.17 29.54 9.06
C MET A 241 18.27 31.03 9.38
N CYS A 242 19.49 31.54 9.39
CA CYS A 242 19.74 32.94 9.70
C CYS A 242 19.56 33.87 8.50
N THR A 243 19.57 33.40 7.25
CA THR A 243 19.44 34.27 6.08
C THR A 243 18.23 35.21 6.14
N GLU A 244 18.50 36.45 5.72
CA GLU A 244 17.39 37.40 5.65
C GLU A 244 16.43 36.99 4.52
N THR A 245 16.79 36.07 3.61
CA THR A 245 15.87 35.59 2.56
C THR A 245 14.97 34.49 3.15
N TYR A 246 13.98 34.86 3.94
CA TYR A 246 13.13 33.91 4.69
C TYR A 246 12.40 33.06 3.68
N LEU A 247 12.48 31.75 3.83
CA LEU A 247 11.97 30.90 2.77
C LEU A 247 10.55 30.38 2.93
N ASP A 248 9.89 30.66 4.03
CA ASP A 248 8.54 30.18 4.27
C ASP A 248 7.50 31.09 3.65
N THR A 249 6.24 30.60 3.62
CA THR A 249 5.10 31.41 3.21
C THR A 249 4.01 31.13 4.24
N PRO A 250 3.40 32.07 4.97
CA PRO A 250 3.73 33.52 4.87
C PRO A 250 5.10 33.86 5.41
N ARG A 251 5.49 35.11 5.17
CA ARG A 251 6.75 35.63 5.65
C ARG A 251 6.62 37.15 5.64
N PRO A 252 7.40 37.89 6.44
CA PRO A 252 7.57 39.33 6.27
C PRO A 252 8.60 39.61 5.19
N ASP A 253 8.84 40.89 4.95
CA ASP A 253 9.83 41.29 3.99
C ASP A 253 11.18 40.81 4.44
N ASP A 254 12.04 40.56 3.48
CA ASP A 254 13.39 40.13 3.75
C ASP A 254 14.16 41.14 4.60
N GLY A 255 14.96 40.59 5.50
CA GLY A 255 15.74 41.42 6.38
C GLY A 255 14.92 42.12 7.45
N SER A 256 13.60 41.98 7.51
CA SER A 256 12.83 42.70 8.52
C SER A 256 12.79 42.08 9.92
N ILE A 257 13.35 40.88 10.15
CA ILE A 257 13.25 40.28 11.47
C ILE A 257 14.51 40.76 12.15
N THR A 258 14.38 41.61 13.17
CA THR A 258 15.53 42.15 13.85
C THR A 258 16.00 41.23 14.96
N GLY A 259 17.25 41.45 15.35
CA GLY A 259 17.83 40.71 16.45
C GLY A 259 18.66 39.56 15.95
N PRO A 260 19.20 38.70 16.84
CA PRO A 260 20.05 37.57 16.42
C PRO A 260 19.35 36.55 15.50
N CYS A 261 20.15 35.64 14.94
CA CYS A 261 19.68 34.58 14.04
C CYS A 261 18.48 33.77 14.55
N GLU A 262 18.45 33.50 15.87
CA GLU A 262 17.37 32.73 16.45
C GLU A 262 16.06 33.50 16.61
N SER A 263 16.03 34.82 16.40
CA SER A 263 14.79 35.60 16.57
C SER A 263 13.70 35.11 15.66
N ASN A 264 12.52 34.96 16.24
CA ASN A 264 11.41 34.41 15.49
C ASN A 264 10.75 35.36 14.51
N GLY A 265 10.51 36.62 14.83
CA GLY A 265 9.88 37.54 13.90
C GLY A 265 8.40 37.34 13.75
N ASP A 266 7.86 38.19 12.87
CA ASP A 266 6.42 38.25 12.61
C ASP A 266 6.02 37.37 11.43
N LYS A 267 4.71 37.11 11.32
CA LYS A 267 4.06 36.32 10.26
C LYS A 267 4.59 34.90 10.25
N GLY A 268 4.79 34.40 11.46
CA GLY A 268 5.35 33.07 11.66
C GLY A 268 4.31 31.96 11.60
N ARG A 269 3.05 32.22 11.86
CA ARG A 269 1.96 31.23 11.86
C ARG A 269 1.69 30.80 10.41
N GLY A 270 1.45 29.52 10.18
CA GLY A 270 1.26 29.07 8.81
C GLY A 270 2.61 28.68 8.22
N GLY A 271 2.71 28.20 6.99
CA GLY A 271 3.96 27.69 6.46
C GLY A 271 3.75 26.91 5.16
N ILE A 272 4.83 26.41 4.58
CA ILE A 272 4.73 25.66 3.35
C ILE A 272 6.00 24.81 3.36
N LYS A 273 5.92 23.61 2.81
CA LYS A 273 7.10 22.76 2.67
C LYS A 273 7.92 23.36 1.53
N GLY A 274 9.24 23.50 1.75
CA GLY A 274 10.11 24.12 0.77
C GLY A 274 11.20 23.26 0.18
N GLY A 275 11.51 23.49 -1.11
CA GLY A 275 12.55 22.78 -1.81
C GLY A 275 13.94 23.10 -1.31
N PHE A 276 14.85 22.17 -1.35
CA PHE A 276 16.24 22.34 -0.92
C PHE A 276 16.98 21.16 -1.50
N VAL A 277 18.16 21.41 -2.09
CA VAL A 277 18.96 20.34 -2.63
C VAL A 277 20.40 20.85 -2.65
N HIS A 278 21.32 19.91 -2.55
CA HIS A 278 22.75 20.16 -2.45
C HIS A 278 23.48 19.95 -3.78
N GLN A 279 24.49 20.78 -3.98
CA GLN A 279 25.45 20.60 -5.08
C GLN A 279 26.79 20.38 -4.38
N ARG A 280 27.28 19.14 -4.30
CA ARG A 280 28.51 18.77 -3.61
C ARG A 280 29.64 18.84 -4.60
N MET A 281 30.54 19.76 -4.30
CA MET A 281 31.72 19.93 -5.12
C MET A 281 32.93 19.50 -4.29
N ALA A 282 34.04 19.18 -4.93
CA ALA A 282 35.26 18.74 -4.26
C ALA A 282 35.76 19.72 -3.20
N SER A 283 35.52 20.94 -3.60
CA SER A 283 35.91 22.18 -2.95
C SER A 283 34.89 22.92 -2.06
N LYS A 284 33.60 22.90 -2.38
CA LYS A 284 32.61 23.77 -1.77
C LYS A 284 31.26 23.10 -1.86
N ILE A 285 30.26 23.69 -1.22
CA ILE A 285 28.94 23.11 -1.16
C ILE A 285 27.94 24.18 -1.55
N GLY A 286 27.18 23.90 -2.62
CA GLY A 286 26.05 24.75 -3.00
C GLY A 286 24.75 24.35 -2.33
N ARG A 287 23.99 25.24 -1.73
CA ARG A 287 22.70 24.90 -1.14
C ARG A 287 21.69 25.71 -1.94
N TRP A 288 20.82 24.97 -2.63
CA TRP A 288 19.78 25.52 -3.48
C TRP A 288 18.42 25.38 -2.77
N TYR A 289 17.62 26.44 -2.84
CA TYR A 289 16.34 26.53 -2.14
C TYR A 289 15.30 27.17 -3.03
N SER A 290 14.02 26.91 -2.77
CA SER A 290 12.98 27.62 -3.50
C SER A 290 11.96 28.25 -2.57
N ARG A 291 11.25 29.30 -2.94
CA ARG A 291 10.18 29.84 -2.13
C ARG A 291 9.17 30.48 -3.07
N THR A 292 7.94 30.67 -2.62
CA THR A 292 6.89 31.25 -3.47
C THR A 292 7.28 32.69 -3.80
N MET A 293 6.63 33.23 -4.82
CA MET A 293 6.92 34.62 -5.15
C MET A 293 6.03 35.48 -4.27
N SER A 294 4.78 35.14 -3.96
CA SER A 294 3.97 35.93 -3.06
C SER A 294 4.55 35.73 -1.66
N LYS A 295 4.56 36.75 -0.84
CA LYS A 295 5.02 36.61 0.54
C LYS A 295 3.88 36.03 1.37
N THR A 296 2.63 36.03 0.88
CA THR A 296 1.54 35.48 1.67
C THR A 296 0.71 34.34 1.11
N GLU A 297 0.69 34.14 -0.20
CA GLU A 297 -0.12 33.09 -0.79
C GLU A 297 0.81 32.17 -1.56
N ARG A 298 0.27 31.02 -1.92
CA ARG A 298 1.02 29.98 -2.63
C ARG A 298 1.02 30.23 -4.13
N MET A 299 1.64 31.34 -4.54
CA MET A 299 1.68 31.76 -5.93
C MET A 299 3.15 32.06 -6.29
N GLY A 300 3.54 31.60 -7.47
CA GLY A 300 4.92 31.74 -7.93
C GLY A 300 5.92 30.82 -7.23
N MET A 301 7.16 30.80 -7.69
CA MET A 301 8.25 30.00 -7.11
C MET A 301 9.54 30.47 -7.78
N GLU A 302 10.49 30.84 -6.93
CA GLU A 302 11.81 31.36 -7.26
C GLU A 302 12.87 30.54 -6.57
N LEU A 303 13.99 30.43 -7.26
CA LEU A 303 15.19 29.68 -6.90
C LEU A 303 16.24 30.60 -6.34
N TYR A 304 16.99 30.13 -5.35
CA TYR A 304 18.02 30.89 -4.64
C TYR A 304 19.16 29.91 -4.36
N VAL A 305 20.37 30.42 -4.25
CA VAL A 305 21.52 29.58 -3.97
C VAL A 305 22.49 30.34 -3.07
N ARG A 306 23.23 29.60 -2.26
CA ARG A 306 24.36 30.16 -1.52
C ARG A 306 25.37 29.03 -1.36
N TYR A 307 26.64 29.37 -1.56
CA TYR A 307 27.75 28.44 -1.42
C TYR A 307 28.41 28.62 -0.06
N ASP A 308 28.67 27.50 0.61
CA ASP A 308 29.39 27.45 1.89
C ASP A 308 28.78 28.29 3.02
N GLY A 309 29.54 28.54 4.07
CA GLY A 309 29.09 29.28 5.21
C GLY A 309 28.31 28.43 6.16
N ASP A 310 27.77 29.00 7.19
CA ASP A 310 26.96 28.19 8.09
C ASP A 310 25.57 28.81 7.99
N PRO A 311 24.58 28.05 7.48
CA PRO A 311 23.18 28.48 7.42
C PRO A 311 22.63 28.97 8.76
N TRP A 312 23.20 28.48 9.87
CA TRP A 312 22.75 28.89 11.19
C TRP A 312 23.27 30.25 11.65
N THR A 313 24.36 30.78 11.11
CA THR A 313 24.89 32.06 11.59
C THR A 313 24.86 33.21 10.55
N ASP A 314 24.74 32.87 9.26
CA ASP A 314 24.86 33.83 8.15
C ASP A 314 23.58 34.54 7.79
N SER A 315 23.47 35.84 8.06
CA SER A 315 22.26 36.62 7.75
C SER A 315 22.18 37.10 6.31
N ASP A 316 23.25 36.91 5.56
CA ASP A 316 23.30 37.34 4.16
C ASP A 316 22.18 36.76 3.31
N ALA A 317 21.70 37.63 2.42
CA ALA A 317 20.68 37.30 1.42
C ALA A 317 21.21 36.20 0.50
N LEU A 318 20.31 35.27 0.14
CA LEU A 318 20.64 34.19 -0.77
C LEU A 318 20.71 34.81 -2.18
N ALA A 319 21.41 34.21 -3.14
CA ALA A 319 21.46 34.76 -4.49
C ALA A 319 20.25 34.33 -5.33
N HIS A 320 19.41 35.28 -5.78
CA HIS A 320 18.28 35.01 -6.69
C HIS A 320 18.80 34.33 -7.95
N SER A 321 18.22 33.18 -8.26
CA SER A 321 18.65 32.35 -9.38
C SER A 321 17.56 31.94 -10.35
N GLY A 322 16.51 32.74 -10.47
CA GLY A 322 15.52 32.57 -11.55
C GLY A 322 14.09 32.39 -11.09
N VAL A 323 13.12 32.80 -11.90
CA VAL A 323 11.69 32.58 -11.65
C VAL A 323 11.33 31.25 -12.33
N MET A 324 10.98 30.26 -11.53
CA MET A 324 10.57 28.96 -12.07
C MET A 324 9.09 28.95 -12.37
N VAL A 325 8.27 29.70 -11.63
CA VAL A 325 6.83 29.76 -11.78
C VAL A 325 6.50 31.24 -11.54
N SER A 326 5.81 31.95 -12.42
CA SER A 326 5.49 33.34 -12.19
C SER A 326 4.40 33.48 -11.13
N MET A 327 4.21 34.74 -10.72
CA MET A 327 3.14 35.13 -9.80
C MET A 327 1.76 34.70 -10.30
N LYS A 328 1.51 34.58 -11.60
CA LYS A 328 0.19 34.22 -12.10
C LYS A 328 -0.13 32.73 -11.90
N GLU A 329 0.82 31.89 -11.53
CA GLU A 329 0.63 30.44 -11.47
C GLU A 329 0.74 29.95 -10.04
N PRO A 330 0.07 28.86 -9.65
CA PRO A 330 0.21 28.28 -8.32
C PRO A 330 1.59 27.72 -7.95
N GLY A 331 2.12 28.01 -6.75
CA GLY A 331 3.42 27.51 -6.34
C GLY A 331 3.19 26.99 -4.92
N TRP A 332 3.05 25.66 -4.75
CA TRP A 332 2.69 25.11 -3.45
C TRP A 332 3.89 24.35 -2.92
N TYR A 333 3.86 23.08 -2.55
CA TYR A 333 5.05 22.43 -1.99
C TYR A 333 6.21 22.30 -2.98
N SER A 334 7.44 22.42 -2.54
CA SER A 334 8.54 22.10 -3.41
C SER A 334 9.47 21.16 -2.63
N PHE A 335 10.33 20.45 -3.32
CA PHE A 335 11.16 19.40 -2.71
C PHE A 335 12.45 19.23 -3.47
N GLY A 336 13.57 18.86 -2.86
CA GLY A 336 14.75 18.53 -3.64
C GLY A 336 14.82 17.04 -3.95
N PHE A 337 15.56 16.65 -5.00
CA PHE A 337 15.88 15.26 -5.28
C PHE A 337 17.10 15.27 -6.20
N GLU A 338 17.72 14.11 -6.41
CA GLU A 338 18.93 13.96 -7.21
C GLU A 338 18.78 12.84 -8.21
N ILE A 339 19.14 13.06 -9.48
CA ILE A 339 19.07 12.04 -10.50
C ILE A 339 20.48 11.50 -10.62
N LYS A 340 20.67 10.21 -10.87
CA LYS A 340 22.01 9.62 -10.94
C LYS A 340 22.46 9.54 -12.39
N ASP A 341 23.51 10.30 -12.72
CA ASP A 341 24.15 10.21 -14.02
C ASP A 341 25.19 9.08 -13.90
N LYS A 342 25.96 8.74 -14.94
CA LYS A 342 26.86 7.60 -14.86
C LYS A 342 27.88 7.78 -13.74
N LYS A 343 28.45 8.98 -13.55
CA LYS A 343 29.51 9.18 -12.58
C LYS A 343 29.20 10.26 -11.59
N CYS A 344 28.07 10.93 -11.62
CA CYS A 344 27.88 12.05 -10.71
C CYS A 344 26.38 12.24 -10.50
N ASP A 345 25.97 13.03 -9.51
CA ASP A 345 24.56 13.22 -9.15
C ASP A 345 24.07 14.57 -9.62
N VAL A 346 22.87 14.66 -10.19
CA VAL A 346 22.31 15.93 -10.70
C VAL A 346 21.28 16.40 -9.69
N PRO A 347 21.51 17.55 -9.03
CA PRO A 347 20.53 18.12 -8.12
C PRO A 347 19.33 18.78 -8.82
N CYS A 348 18.13 18.53 -8.31
CA CYS A 348 16.91 19.06 -8.87
C CYS A 348 15.93 19.50 -7.81
N ILE A 349 15.01 20.41 -8.14
CA ILE A 349 13.91 20.83 -7.29
C ILE A 349 12.64 20.58 -8.11
N GLY A 350 11.64 19.98 -7.44
CA GLY A 350 10.34 19.76 -8.03
C GLY A 350 9.36 20.71 -7.36
N ILE A 351 8.29 21.10 -8.04
CA ILE A 351 7.36 22.10 -7.59
C ILE A 351 5.96 21.52 -7.81
N GLU A 352 5.22 21.48 -6.74
CA GLU A 352 3.82 21.08 -6.74
C GLU A 352 3.05 22.33 -7.16
N MET A 353 2.21 22.25 -8.18
CA MET A 353 1.45 23.37 -8.68
C MET A 353 -0.01 22.97 -8.59
N VAL A 354 -0.58 23.34 -7.45
CA VAL A 354 -1.96 22.94 -7.14
C VAL A 354 -3.02 23.69 -7.95
N HIS A 355 -3.98 22.93 -8.43
CA HIS A 355 -5.18 23.42 -9.10
C HIS A 355 -6.19 23.53 -7.96
N ASP A 356 -6.39 24.72 -7.43
CA ASP A 356 -7.34 24.91 -6.35
C ASP A 356 -8.52 25.76 -6.79
N GLY A 357 -9.72 25.21 -6.71
CA GLY A 357 -10.94 25.93 -6.95
C GLY A 357 -11.82 25.84 -5.74
N GLY A 358 -11.25 25.55 -4.57
CA GLY A 358 -12.01 25.42 -3.34
C GLY A 358 -12.65 24.05 -3.28
N LYS A 359 -13.49 23.86 -2.29
CA LYS A 359 -14.07 22.55 -1.98
C LYS A 359 -15.25 22.13 -2.87
N LYS A 360 -15.86 23.03 -3.64
CA LYS A 360 -17.03 22.70 -4.44
C LYS A 360 -16.56 22.07 -5.76
N THR A 361 -15.25 21.88 -5.98
CA THR A 361 -14.75 21.19 -7.19
C THR A 361 -13.57 20.26 -6.86
N TRP A 362 -12.98 19.58 -7.85
CA TRP A 362 -11.77 18.76 -7.63
C TRP A 362 -10.54 19.57 -7.22
N HIS A 363 -9.61 18.94 -6.50
CA HIS A 363 -8.43 19.64 -5.97
C HIS A 363 -7.30 18.70 -6.29
N SER A 364 -6.29 19.08 -7.09
CA SER A 364 -5.17 18.22 -7.41
C SER A 364 -3.98 19.08 -7.82
N ALA A 365 -2.94 18.51 -8.40
CA ALA A 365 -1.74 19.27 -8.72
C ALA A 365 -0.98 18.71 -9.90
N ALA A 366 -0.19 19.61 -10.52
CA ALA A 366 0.81 19.29 -11.50
C ALA A 366 2.16 19.30 -10.75
N THR A 367 3.22 18.75 -11.35
CA THR A 367 4.59 18.72 -10.80
C THR A 367 5.56 19.27 -11.86
N ALA A 368 6.28 20.34 -11.54
CA ALA A 368 7.27 20.94 -12.43
C ALA A 368 8.65 20.55 -11.90
N ILE A 369 9.62 20.28 -12.77
CA ILE A 369 10.99 19.89 -12.40
C ILE A 369 12.02 20.87 -12.99
N TYR A 370 12.95 21.32 -12.16
CA TYR A 370 14.08 22.16 -12.59
C TYR A 370 15.29 21.42 -12.10
N CYS A 371 16.40 21.35 -12.84
CA CYS A 371 17.61 20.69 -12.42
C CYS A 371 18.81 21.54 -12.80
N LEU A 372 19.93 21.29 -12.13
CA LEU A 372 21.22 21.87 -12.45
C LEU A 372 21.54 21.42 -13.88
N MET A 373 21.84 22.35 -14.78
CA MET A 373 22.06 22.01 -16.17
C MET A 373 22.91 23.13 -16.79
N GLY A 374 24.17 22.90 -17.19
CA GLY A 374 25.06 23.91 -17.84
C GLY A 374 25.38 25.14 -17.01
N SER A 375 25.78 26.22 -17.68
CA SER A 375 26.12 27.47 -17.01
C SER A 375 25.21 28.62 -17.46
N GLY A 376 25.39 29.85 -16.98
CA GLY A 376 24.54 30.96 -17.37
C GLY A 376 23.45 31.16 -16.37
N GLN A 377 22.26 31.57 -16.80
CA GLN A 377 21.15 31.74 -15.88
C GLN A 377 19.91 31.05 -16.39
N LEU A 378 19.02 30.83 -15.45
CA LEU A 378 17.79 30.10 -15.63
C LEU A 378 16.99 30.90 -16.65
N LEU A 379 16.44 30.22 -17.64
CA LEU A 379 15.82 30.88 -18.76
C LEU A 379 14.30 30.92 -18.87
N TRP A 380 13.55 29.93 -18.37
CA TRP A 380 12.10 29.90 -18.60
C TRP A 380 11.33 29.36 -17.42
N ASP A 381 10.09 29.82 -17.34
CA ASP A 381 9.17 29.46 -16.26
C ASP A 381 8.17 28.39 -16.72
N THR A 382 7.41 27.85 -15.78
CA THR A 382 6.46 26.79 -16.02
C THR A 382 5.02 27.22 -15.73
N VAL A 383 4.06 26.85 -16.58
CA VAL A 383 2.64 27.08 -16.40
C VAL A 383 1.99 25.68 -16.43
N THR A 384 0.87 25.41 -15.76
CA THR A 384 0.30 24.05 -15.84
C THR A 384 -0.48 23.84 -17.14
N GLY A 385 -0.97 24.95 -17.71
CA GLY A 385 -1.83 24.89 -18.89
C GLY A 385 -3.25 24.41 -18.53
N VAL A 386 -3.68 24.21 -17.28
CA VAL A 386 -4.99 23.65 -16.99
C VAL A 386 -6.06 24.70 -16.71
N ASP A 387 -7.18 24.53 -17.37
CA ASP A 387 -8.34 25.32 -17.10
C ASP A 387 -9.23 24.41 -16.28
N MET A 388 -9.45 24.75 -15.03
CA MET A 388 -10.26 23.94 -14.12
C MET A 388 -11.73 23.89 -14.50
N ALA A 389 -12.27 24.70 -15.41
CA ALA A 389 -13.66 24.57 -15.84
C ALA A 389 -13.93 23.42 -16.79
N LEU A 390 -12.93 22.88 -17.48
CA LEU A 390 -13.16 21.88 -18.51
C LEU A 390 -13.39 20.47 -17.99
N GLU B 1 18.69 -23.04 -12.17
CA GLU B 1 17.34 -22.44 -12.22
C GLU B 1 17.21 -21.76 -10.84
N PRO B 2 16.15 -21.00 -10.49
CA PRO B 2 15.82 -20.65 -9.10
C PRO B 2 15.48 -21.94 -8.37
N GLU B 3 15.48 -21.92 -7.05
CA GLU B 3 15.11 -23.14 -6.37
C GLU B 3 13.71 -23.03 -5.81
N TRP B 4 13.26 -24.18 -5.38
CA TRP B 4 11.95 -24.35 -4.79
C TRP B 4 11.80 -23.55 -3.50
N THR B 5 10.64 -22.96 -3.39
CA THR B 5 10.14 -22.27 -2.21
C THR B 5 9.71 -23.26 -1.11
N TYR B 6 10.00 -22.88 0.14
CA TYR B 6 9.60 -23.56 1.39
C TYR B 6 9.00 -22.49 2.33
N PRO B 7 8.04 -22.76 3.23
CA PRO B 7 7.71 -21.85 4.33
C PRO B 7 8.95 -21.54 5.17
N ARG B 8 9.08 -20.32 5.66
CA ARG B 8 10.21 -19.86 6.47
C ARG B 8 9.55 -19.37 7.75
N LEU B 9 10.30 -18.95 8.77
CA LEU B 9 9.72 -18.35 9.96
C LEU B 9 9.16 -16.99 9.51
N SER B 10 8.07 -16.60 10.14
CA SER B 10 7.46 -15.32 9.85
C SER B 10 8.35 -14.18 10.31
N CYS B 11 8.22 -13.01 9.66
CA CYS B 11 8.87 -11.78 10.11
C CYS B 11 8.31 -11.41 11.49
N GLN B 12 9.13 -10.78 12.28
CA GLN B 12 8.76 -10.33 13.60
C GLN B 12 7.57 -9.37 13.57
N GLY B 13 6.66 -9.48 14.52
CA GLY B 13 5.52 -8.57 14.59
C GLY B 13 4.45 -9.16 15.50
N SER B 14 3.49 -8.39 15.97
CA SER B 14 2.50 -8.94 16.88
C SER B 14 1.09 -8.43 16.68
N THR B 15 0.86 -7.59 15.67
CA THR B 15 -0.48 -7.07 15.38
C THR B 15 -0.55 -6.93 13.86
N PHE B 16 -1.77 -6.99 13.31
CA PHE B 16 -1.97 -6.71 11.90
C PHE B 16 -2.31 -5.23 11.86
N GLN B 17 -2.15 -4.64 10.67
CA GLN B 17 -2.48 -3.25 10.40
C GLN B 17 -2.98 -3.20 8.97
N LYS B 18 -3.82 -2.20 8.70
CA LYS B 18 -4.35 -1.93 7.37
C LYS B 18 -3.15 -1.59 6.46
N ALA B 19 -3.07 -2.33 5.37
CA ALA B 19 -1.97 -2.21 4.44
C ALA B 19 -2.35 -1.53 3.12
N LEU B 20 -3.41 -1.97 2.42
CA LEU B 20 -3.67 -1.58 1.03
C LEU B 20 -5.15 -1.81 0.73
N LEU B 21 -5.81 -0.94 -0.03
CA LEU B 21 -7.18 -1.13 -0.47
C LEU B 21 -7.04 -1.11 -2.00
N ILE B 22 -7.57 -2.09 -2.72
CA ILE B 22 -7.63 -2.08 -4.18
C ILE B 22 -9.16 -1.92 -4.40
N SER B 23 -9.60 -0.73 -4.72
CA SER B 23 -11.02 -0.46 -4.86
C SER B 23 -11.22 0.01 -6.30
N PRO B 24 -11.42 -0.93 -7.25
CA PRO B 24 -11.44 -0.62 -8.70
C PRO B 24 -12.62 0.28 -9.11
N HIS B 25 -13.74 0.10 -8.43
CA HIS B 25 -14.97 0.77 -8.80
C HIS B 25 -15.04 2.18 -8.30
N ARG B 26 -14.00 2.64 -7.63
CA ARG B 26 -13.84 4.07 -7.37
C ARG B 26 -13.63 4.82 -8.67
N PHE B 27 -13.37 4.09 -9.75
CA PHE B 27 -13.14 4.67 -11.07
C PHE B 27 -14.17 4.18 -12.06
N GLY B 28 -15.29 3.60 -11.63
CA GLY B 28 -16.24 3.04 -12.57
C GLY B 28 -17.46 3.91 -12.83
N GLU B 29 -17.44 5.22 -12.55
CA GLU B 29 -18.57 6.15 -12.74
C GLU B 29 -18.90 6.23 -14.20
N ALA B 30 -20.15 6.43 -14.54
CA ALA B 30 -20.62 6.53 -15.91
C ALA B 30 -19.92 7.72 -16.57
N ARG B 31 -19.63 8.78 -15.84
CA ARG B 31 -18.97 9.94 -16.40
C ARG B 31 -17.43 9.87 -16.37
N GLY B 32 -16.88 8.73 -15.94
CA GLY B 32 -15.46 8.57 -15.82
C GLY B 32 -14.96 7.98 -17.11
N ASN B 33 -13.67 7.71 -17.21
CA ASN B 33 -13.05 7.14 -18.41
C ASN B 33 -12.32 5.83 -18.08
N SER B 34 -12.70 5.06 -17.06
CA SER B 34 -12.00 3.86 -16.72
C SER B 34 -12.82 2.61 -16.93
N ALA B 35 -12.13 1.46 -16.93
CA ALA B 35 -12.79 0.19 -17.18
C ALA B 35 -12.37 -0.88 -16.17
N PRO B 36 -12.73 -0.68 -14.89
CA PRO B 36 -12.60 -1.75 -13.88
C PRO B 36 -13.41 -2.97 -14.26
N LEU B 37 -12.82 -4.13 -14.09
CA LEU B 37 -13.49 -5.40 -14.41
C LEU B 37 -14.45 -5.77 -13.29
N ILE B 38 -15.60 -6.33 -13.65
CA ILE B 38 -16.58 -6.83 -12.71
C ILE B 38 -16.04 -8.20 -12.32
N ILE B 39 -15.85 -8.43 -11.03
CA ILE B 39 -15.22 -9.64 -10.54
C ILE B 39 -15.93 -10.03 -9.24
N ARG B 40 -15.57 -11.20 -8.76
CA ARG B 40 -15.85 -11.64 -7.41
C ARG B 40 -14.79 -12.70 -7.13
N GLU B 41 -14.84 -13.26 -5.92
CA GLU B 41 -13.87 -14.21 -5.36
C GLU B 41 -12.41 -13.83 -5.63
N PRO B 42 -11.97 -12.62 -5.20
CA PRO B 42 -10.56 -12.27 -5.25
C PRO B 42 -9.70 -13.04 -4.25
N PHE B 43 -8.41 -13.14 -4.53
CA PHE B 43 -7.42 -13.68 -3.61
C PHE B 43 -6.08 -13.22 -4.12
N ILE B 44 -5.07 -13.38 -3.29
CA ILE B 44 -3.71 -12.92 -3.59
C ILE B 44 -2.77 -14.10 -3.38
N ALA B 45 -1.73 -14.27 -4.20
CA ALA B 45 -0.70 -15.27 -3.95
C ALA B 45 0.59 -14.61 -4.34
N CYS B 46 1.69 -14.89 -3.68
CA CYS B 46 2.97 -14.22 -3.94
C CYS B 46 4.07 -15.21 -4.25
N GLY B 47 4.97 -14.83 -5.14
CA GLY B 47 6.19 -15.59 -5.41
C GLY B 47 7.36 -14.90 -4.71
N PRO B 48 8.67 -15.12 -5.01
CA PRO B 48 9.76 -14.51 -4.25
C PRO B 48 9.80 -13.00 -4.49
N LYS B 49 9.33 -12.53 -5.64
CA LYS B 49 9.50 -11.13 -6.01
C LYS B 49 8.24 -10.28 -6.12
N GLU B 50 7.06 -10.85 -6.23
CA GLU B 50 5.86 -10.05 -6.46
C GLU B 50 4.65 -10.89 -6.05
N CYS B 51 3.58 -10.20 -5.77
CA CYS B 51 2.31 -10.82 -5.44
C CYS B 51 1.35 -10.55 -6.59
N LYS B 52 0.50 -11.50 -6.93
CA LYS B 52 -0.55 -11.28 -7.90
C LYS B 52 -1.90 -11.24 -7.23
N HIS B 53 -2.72 -10.32 -7.70
CA HIS B 53 -4.09 -10.16 -7.27
C HIS B 53 -4.97 -10.82 -8.33
N PHE B 54 -5.53 -11.96 -7.95
CA PHE B 54 -6.41 -12.79 -8.79
C PHE B 54 -7.87 -12.56 -8.48
N ALA B 55 -8.78 -12.79 -9.41
CA ALA B 55 -10.24 -12.74 -9.17
C ALA B 55 -10.88 -13.49 -10.33
N LEU B 56 -12.19 -13.69 -10.26
CA LEU B 56 -12.97 -14.37 -11.28
C LEU B 56 -13.80 -13.25 -11.89
N THR B 57 -13.47 -12.81 -13.10
CA THR B 57 -14.25 -11.75 -13.71
C THR B 57 -15.50 -12.33 -14.37
N HIS B 58 -16.51 -11.50 -14.54
CA HIS B 58 -17.66 -11.86 -15.38
C HIS B 58 -17.43 -11.39 -16.83
N TYR B 59 -16.21 -10.99 -17.19
CA TYR B 59 -15.83 -10.55 -18.55
C TYR B 59 -16.69 -9.35 -18.95
N ALA B 60 -16.78 -8.38 -18.06
CA ALA B 60 -17.61 -7.18 -18.23
C ALA B 60 -16.93 -6.07 -17.43
N ALA B 61 -17.07 -4.80 -17.83
CA ALA B 61 -16.49 -3.67 -17.11
C ALA B 61 -17.59 -2.72 -16.67
N GLN B 62 -17.28 -1.84 -15.74
CA GLN B 62 -18.16 -0.77 -15.28
C GLN B 62 -17.51 0.58 -15.69
N PRO B 63 -18.12 1.53 -16.44
CA PRO B 63 -19.46 1.40 -17.00
C PRO B 63 -19.53 0.42 -18.17
N GLY B 64 -20.69 -0.17 -18.43
CA GLY B 64 -20.80 -1.15 -19.47
C GLY B 64 -22.24 -1.60 -19.61
N GLY B 65 -22.51 -2.56 -20.49
CA GLY B 65 -23.85 -2.96 -20.87
C GLY B 65 -24.11 -4.41 -20.58
N TYR B 66 -23.22 -5.11 -19.90
CA TYR B 66 -23.41 -6.52 -19.59
C TYR B 66 -23.59 -6.82 -18.10
N TYR B 67 -24.31 -5.95 -17.39
CA TYR B 67 -24.48 -6.16 -15.95
C TYR B 67 -25.41 -7.30 -15.63
N ASN B 68 -26.29 -7.69 -16.54
CA ASN B 68 -27.26 -8.75 -16.26
C ASN B 68 -26.50 -10.03 -16.23
N GLY B 69 -26.67 -10.79 -15.17
CA GLY B 69 -25.91 -12.02 -15.04
C GLY B 69 -24.70 -11.85 -14.13
N THR B 70 -24.27 -10.66 -13.73
CA THR B 70 -23.06 -10.57 -12.94
C THR B 70 -23.29 -10.95 -11.48
N ARG B 71 -24.48 -11.35 -11.10
CA ARG B 71 -24.67 -11.80 -9.73
C ARG B 71 -24.63 -13.34 -9.73
N GLU B 72 -24.58 -14.01 -10.87
CA GLU B 72 -24.56 -15.45 -10.91
C GLU B 72 -23.17 -15.97 -10.62
N ASP B 73 -23.10 -17.19 -10.13
CA ASP B 73 -21.86 -17.85 -9.77
C ASP B 73 -21.19 -18.48 -10.97
N ARG B 74 -21.93 -19.09 -11.90
CA ARG B 74 -21.28 -19.89 -12.92
C ARG B 74 -21.85 -19.67 -14.30
N ASN B 75 -21.05 -19.57 -15.36
CA ASN B 75 -21.55 -19.38 -16.73
C ASN B 75 -20.36 -19.57 -17.68
N LYS B 76 -20.55 -19.53 -18.99
CA LYS B 76 -19.47 -19.79 -19.95
C LYS B 76 -18.48 -18.62 -20.17
N LEU B 77 -18.66 -17.48 -19.51
CA LEU B 77 -17.84 -16.29 -19.72
C LEU B 77 -16.84 -16.04 -18.59
N ARG B 78 -17.06 -16.51 -17.35
CA ARG B 78 -16.18 -16.18 -16.23
C ARG B 78 -14.77 -16.69 -16.50
N HIS B 79 -13.80 -15.89 -16.09
CA HIS B 79 -12.39 -16.18 -16.34
C HIS B 79 -11.58 -15.80 -15.14
N LEU B 80 -10.52 -16.55 -14.91
CA LEU B 80 -9.51 -16.26 -13.90
C LEU B 80 -8.57 -15.17 -14.50
N ILE B 81 -8.41 -14.02 -13.83
CA ILE B 81 -7.56 -12.93 -14.30
C ILE B 81 -6.64 -12.53 -13.17
N SER B 82 -5.56 -11.79 -13.40
CA SER B 82 -4.74 -11.24 -12.37
C SER B 82 -4.10 -9.93 -12.84
N VAL B 83 -3.68 -9.18 -11.85
CA VAL B 83 -2.78 -8.03 -12.04
C VAL B 83 -1.71 -8.18 -10.96
N LYS B 84 -0.58 -7.49 -11.11
CA LYS B 84 0.40 -7.38 -10.06
C LYS B 84 -0.31 -6.66 -8.89
N LEU B 85 -0.18 -7.10 -7.65
CA LEU B 85 -0.85 -6.46 -6.51
C LEU B 85 -0.46 -5.00 -6.45
N GLY B 86 -1.44 -4.10 -6.41
CA GLY B 86 -1.18 -2.67 -6.41
C GLY B 86 -1.63 -1.99 -7.71
N LYS B 87 -1.83 -2.77 -8.76
CA LYS B 87 -2.33 -2.24 -10.02
C LYS B 87 -3.86 -2.34 -9.96
N ILE B 88 -4.63 -1.46 -10.56
CA ILE B 88 -6.08 -1.54 -10.61
C ILE B 88 -6.44 -2.55 -11.70
N PRO B 89 -7.28 -3.57 -11.40
CA PRO B 89 -7.67 -4.61 -12.34
C PRO B 89 -8.73 -4.19 -13.33
N THR B 90 -8.20 -3.61 -14.35
CA THR B 90 -8.98 -2.97 -15.38
C THR B 90 -8.92 -3.89 -16.63
N VAL B 91 -9.72 -3.63 -17.68
CA VAL B 91 -9.72 -4.41 -18.93
C VAL B 91 -8.31 -4.51 -19.49
N GLU B 92 -7.52 -3.44 -19.55
CA GLU B 92 -6.17 -3.49 -20.13
C GLU B 92 -5.11 -3.88 -19.13
N ASN B 93 -5.23 -3.62 -17.83
CA ASN B 93 -4.16 -3.96 -16.88
C ASN B 93 -4.10 -5.45 -16.60
N SER B 94 -5.25 -6.13 -16.60
CA SER B 94 -5.33 -7.57 -16.30
C SER B 94 -4.83 -8.50 -17.41
N ILE B 95 -4.45 -9.72 -17.01
CA ILE B 95 -4.16 -10.81 -17.98
C ILE B 95 -5.31 -11.77 -17.71
N PHE B 96 -5.77 -12.44 -18.74
CA PHE B 96 -6.81 -13.47 -18.65
C PHE B 96 -6.08 -14.79 -18.79
N HIS B 97 -6.08 -15.56 -17.70
CA HIS B 97 -5.39 -16.85 -17.69
C HIS B 97 -6.16 -18.01 -18.31
N MET B 98 -7.42 -18.22 -17.90
CA MET B 98 -8.19 -19.35 -18.45
C MET B 98 -9.65 -19.17 -18.08
N ALA B 99 -10.54 -19.85 -18.79
CA ALA B 99 -11.97 -19.84 -18.51
C ALA B 99 -12.14 -20.55 -17.18
N ALA B 100 -12.90 -19.97 -16.23
CA ALA B 100 -12.97 -20.55 -14.90
C ALA B 100 -14.04 -19.85 -14.10
N TRP B 101 -14.87 -20.61 -13.40
CA TRP B 101 -15.82 -20.02 -12.46
C TRP B 101 -15.51 -20.48 -11.02
N SER B 102 -14.38 -21.16 -10.80
CA SER B 102 -13.81 -21.40 -9.47
C SER B 102 -12.30 -21.38 -9.71
N GLY B 103 -11.44 -20.81 -8.87
CA GLY B 103 -10.02 -20.73 -9.13
C GLY B 103 -9.06 -20.84 -7.95
N SER B 104 -7.78 -21.01 -8.26
CA SER B 104 -6.71 -21.00 -7.27
C SER B 104 -5.43 -20.75 -8.06
N ALA B 105 -4.33 -20.46 -7.39
CA ALA B 105 -3.05 -20.25 -8.02
C ALA B 105 -1.94 -20.20 -7.00
N CYS B 106 -0.73 -20.54 -7.39
CA CYS B 106 0.39 -20.42 -6.47
C CYS B 106 1.70 -20.62 -7.20
N HIS B 107 2.75 -20.09 -6.61
CA HIS B 107 4.10 -20.11 -7.17
C HIS B 107 4.92 -21.09 -6.32
N ASP B 108 5.71 -21.91 -6.96
CA ASP B 108 6.58 -22.88 -6.29
C ASP B 108 8.07 -22.53 -6.09
N GLY B 109 8.40 -21.26 -6.32
CA GLY B 109 9.79 -20.80 -6.33
C GLY B 109 10.32 -20.63 -7.73
N ARG B 110 9.81 -21.40 -8.68
CA ARG B 110 10.22 -21.32 -10.07
C ARG B 110 9.22 -20.81 -11.08
N GLU B 111 7.94 -21.14 -10.95
CA GLU B 111 6.90 -20.81 -11.92
C GLU B 111 5.56 -20.79 -11.21
N TRP B 112 4.57 -20.15 -11.80
CA TRP B 112 3.19 -20.08 -11.36
C TRP B 112 2.37 -21.28 -11.84
N THR B 113 1.46 -21.77 -11.01
CA THR B 113 0.49 -22.81 -11.36
C THR B 113 -0.83 -22.07 -11.23
N TYR B 114 -1.66 -22.12 -12.28
CA TYR B 114 -2.99 -21.48 -12.24
C TYR B 114 -4.01 -22.61 -12.26
N ILE B 115 -5.06 -22.51 -11.47
CA ILE B 115 -6.13 -23.52 -11.39
C ILE B 115 -7.46 -22.88 -11.74
N GLY B 116 -8.17 -23.41 -12.71
CA GLY B 116 -9.48 -22.89 -13.09
C GLY B 116 -10.47 -24.02 -13.34
N VAL B 117 -11.68 -23.92 -12.80
CA VAL B 117 -12.67 -24.95 -13.00
C VAL B 117 -13.76 -24.42 -13.93
N ASP B 118 -14.14 -25.10 -15.01
CA ASP B 118 -15.40 -24.74 -15.69
C ASP B 118 -16.05 -26.02 -16.23
N GLY B 119 -17.03 -25.97 -17.08
CA GLY B 119 -17.69 -27.18 -17.52
C GLY B 119 -19.08 -27.17 -16.97
N PRO B 120 -19.97 -28.04 -17.44
CA PRO B 120 -21.36 -28.13 -16.95
C PRO B 120 -21.39 -28.52 -15.48
N ASP B 121 -22.38 -28.09 -14.71
CA ASP B 121 -22.48 -28.39 -13.29
C ASP B 121 -22.34 -29.86 -12.97
N SER B 122 -22.91 -30.73 -13.78
CA SER B 122 -22.87 -32.15 -13.49
C SER B 122 -21.60 -32.86 -13.90
N ASN B 123 -20.75 -32.15 -14.66
CA ASN B 123 -19.49 -32.71 -15.15
C ASN B 123 -18.44 -31.62 -15.36
N ALA B 124 -18.10 -30.90 -14.29
CA ALA B 124 -17.16 -29.79 -14.35
C ALA B 124 -15.73 -30.33 -14.33
N LEU B 125 -14.74 -29.46 -14.50
CA LEU B 125 -13.37 -29.89 -14.72
C LEU B 125 -12.36 -28.90 -14.16
N ILE B 126 -11.42 -29.43 -13.36
CA ILE B 126 -10.27 -28.73 -12.80
C ILE B 126 -9.27 -28.65 -13.97
N LYS B 127 -8.74 -27.50 -14.34
CA LYS B 127 -7.75 -27.39 -15.41
C LYS B 127 -6.55 -26.74 -14.75
N ILE B 128 -5.35 -27.23 -15.07
CA ILE B 128 -4.13 -26.70 -14.46
C ILE B 128 -3.25 -26.17 -15.59
N LYS B 129 -2.63 -25.03 -15.33
CA LYS B 129 -1.75 -24.37 -16.26
C LYS B 129 -0.45 -24.09 -15.51
N TYR B 130 0.69 -24.40 -16.12
CA TYR B 130 1.97 -24.13 -15.50
C TYR B 130 2.61 -23.08 -16.41
N GLY B 131 2.75 -21.83 -15.93
CA GLY B 131 3.27 -20.79 -16.77
C GLY B 131 2.23 -20.51 -17.85
N GLU B 132 2.64 -20.62 -19.10
CA GLU B 132 1.76 -20.39 -20.23
C GLU B 132 1.09 -21.67 -20.69
N ALA B 133 1.56 -22.85 -20.28
CA ALA B 133 1.03 -24.09 -20.83
C ALA B 133 -0.02 -24.83 -20.01
N TYR B 134 -1.10 -25.27 -20.67
CA TYR B 134 -2.12 -26.08 -20.01
C TYR B 134 -1.48 -27.47 -19.90
N THR B 135 -1.35 -27.96 -18.67
CA THR B 135 -0.68 -29.21 -18.38
C THR B 135 -1.51 -30.40 -17.91
N ASP B 136 -2.69 -30.26 -17.31
CA ASP B 136 -3.41 -31.41 -16.77
C ASP B 136 -4.80 -31.03 -16.36
N THR B 137 -5.68 -32.00 -16.11
CA THR B 137 -7.04 -31.75 -15.67
C THR B 137 -7.41 -32.77 -14.60
N TYR B 138 -8.49 -32.52 -13.86
CA TYR B 138 -9.02 -33.51 -12.93
C TYR B 138 -10.53 -33.51 -13.09
N HIS B 139 -11.15 -34.69 -13.19
CA HIS B 139 -12.59 -34.81 -13.42
C HIS B 139 -13.45 -34.85 -12.17
N SER B 140 -14.70 -34.46 -12.35
CA SER B 140 -15.74 -34.49 -11.32
C SER B 140 -15.90 -35.92 -10.77
N TYR B 141 -15.91 -36.09 -9.45
CA TYR B 141 -16.05 -37.42 -8.86
C TYR B 141 -17.42 -37.61 -8.20
N ALA B 142 -18.25 -36.58 -8.17
CA ALA B 142 -19.52 -36.70 -7.50
C ALA B 142 -20.56 -35.98 -8.31
N ASN B 143 -20.21 -35.55 -9.52
CA ASN B 143 -21.12 -34.93 -10.47
C ASN B 143 -22.04 -33.86 -9.95
N ASN B 144 -21.45 -32.98 -9.17
CA ASN B 144 -22.23 -31.90 -8.61
C ASN B 144 -21.33 -30.74 -8.23
N ILE B 145 -21.06 -30.02 -9.31
CA ILE B 145 -20.24 -28.82 -9.29
C ILE B 145 -18.88 -29.01 -8.60
N LEU B 146 -17.98 -29.71 -9.28
CA LEU B 146 -16.59 -29.85 -8.86
C LEU B 146 -16.10 -28.40 -8.70
N ARG B 147 -15.32 -28.08 -7.68
CA ARG B 147 -15.00 -26.68 -7.37
C ARG B 147 -13.77 -26.65 -6.47
N THR B 148 -13.22 -25.47 -6.23
CA THR B 148 -11.96 -25.39 -5.48
C THR B 148 -11.90 -24.18 -4.53
N GLN B 149 -10.71 -23.84 -4.05
CA GLN B 149 -10.52 -22.93 -2.93
C GLN B 149 -10.95 -21.48 -2.99
N GLU B 150 -10.70 -20.78 -4.11
CA GLU B 150 -10.86 -19.32 -4.25
C GLU B 150 -9.83 -18.62 -3.37
N SER B 151 -8.68 -19.25 -3.22
CA SER B 151 -7.55 -18.68 -2.50
C SER B 151 -6.32 -19.49 -2.90
N ALA B 152 -5.15 -19.04 -2.52
CA ALA B 152 -3.89 -19.60 -2.96
C ALA B 152 -3.65 -21.06 -2.61
N CYS B 153 -3.12 -21.83 -3.57
CA CYS B 153 -2.67 -23.16 -3.22
C CYS B 153 -1.30 -22.99 -2.54
N ASN B 154 -0.63 -24.09 -2.16
CA ASN B 154 0.55 -24.01 -1.27
C ASN B 154 1.60 -25.00 -1.66
N CYS B 155 2.76 -24.47 -2.04
CA CYS B 155 3.86 -25.26 -2.55
C CYS B 155 5.05 -25.37 -1.61
N ILE B 156 5.65 -26.55 -1.55
CA ILE B 156 6.82 -26.79 -0.72
C ILE B 156 7.72 -27.72 -1.53
N GLY B 157 8.94 -27.31 -1.82
CA GLY B 157 9.88 -28.17 -2.54
C GLY B 157 9.37 -28.62 -3.90
N GLY B 158 8.56 -27.79 -4.55
CA GLY B 158 8.01 -28.10 -5.85
C GLY B 158 6.68 -28.78 -5.81
N ASP B 159 6.18 -29.21 -4.65
CA ASP B 159 4.89 -29.91 -4.60
C ASP B 159 3.84 -28.92 -4.13
N CYS B 160 2.79 -28.75 -4.92
CA CYS B 160 1.76 -27.78 -4.63
C CYS B 160 0.47 -28.51 -4.30
N TYR B 161 -0.10 -28.14 -3.17
CA TYR B 161 -1.27 -28.85 -2.65
C TYR B 161 -2.47 -27.96 -2.83
N LEU B 162 -3.57 -28.56 -3.22
CA LEU B 162 -4.80 -27.90 -3.53
C LEU B 162 -6.03 -28.65 -3.02
N MET B 163 -6.93 -27.98 -2.33
CA MET B 163 -8.21 -28.54 -1.93
C MET B 163 -9.19 -28.38 -3.07
N ILE B 164 -9.96 -29.43 -3.31
CA ILE B 164 -11.07 -29.43 -4.25
C ILE B 164 -12.27 -30.14 -3.57
N THR B 165 -13.51 -29.95 -4.01
CA THR B 165 -14.62 -30.72 -3.45
C THR B 165 -15.66 -30.82 -4.55
N ASP B 166 -16.60 -31.70 -4.31
CA ASP B 166 -17.63 -31.98 -5.28
C ASP B 166 -18.80 -32.57 -4.50
N GLY B 167 -20.03 -32.15 -4.76
CA GLY B 167 -21.19 -32.63 -4.01
C GLY B 167 -22.17 -31.52 -3.72
N SER B 168 -23.27 -31.86 -3.07
CA SER B 168 -24.31 -30.90 -2.73
C SER B 168 -23.86 -29.86 -1.70
N ALA B 169 -24.06 -28.59 -2.03
CA ALA B 169 -23.84 -27.49 -1.09
C ALA B 169 -24.85 -27.57 0.08
N SER B 170 -25.96 -28.33 0.00
CA SER B 170 -26.79 -28.46 1.19
C SER B 170 -26.82 -29.92 1.66
N GLY B 171 -25.83 -30.71 1.30
CA GLY B 171 -25.76 -32.10 1.70
C GLY B 171 -24.32 -32.51 1.88
N ILE B 172 -23.92 -33.65 1.35
CA ILE B 172 -22.55 -34.14 1.46
C ILE B 172 -21.65 -33.58 0.34
N SER B 173 -20.50 -33.05 0.74
CA SER B 173 -19.45 -32.61 -0.17
C SER B 173 -18.14 -33.06 0.47
N LYS B 174 -17.60 -34.21 0.09
CA LYS B 174 -16.39 -34.73 0.67
C LYS B 174 -15.23 -34.21 -0.15
N CYS B 175 -14.44 -33.32 0.40
CA CYS B 175 -13.31 -32.75 -0.33
C CYS B 175 -12.18 -33.76 -0.51
N ARG B 176 -11.22 -33.38 -1.33
CA ARG B 176 -10.00 -34.16 -1.65
C ARG B 176 -8.90 -33.15 -1.84
N PHE B 177 -7.66 -33.62 -1.75
CA PHE B 177 -6.53 -32.74 -2.02
C PHE B 177 -5.76 -33.32 -3.20
N LEU B 178 -5.30 -32.43 -4.08
CA LEU B 178 -4.46 -32.77 -5.21
C LEU B 178 -3.04 -32.30 -4.87
N LYS B 179 -2.05 -33.13 -5.19
CA LYS B 179 -0.62 -32.84 -5.03
C LYS B 179 -0.22 -32.66 -6.49
N ILE B 180 0.32 -31.49 -6.84
CA ILE B 180 0.57 -31.08 -8.23
C ILE B 180 2.03 -30.65 -8.30
N ARG B 181 2.79 -31.18 -9.25
CA ARG B 181 4.20 -30.82 -9.43
C ARG B 181 4.41 -30.44 -10.89
N GLU B 182 4.90 -29.23 -11.15
CA GLU B 182 5.09 -28.65 -12.48
C GLU B 182 3.86 -28.84 -13.37
N GLY B 183 2.72 -28.53 -12.75
CA GLY B 183 1.43 -28.50 -13.40
C GLY B 183 0.78 -29.85 -13.59
N ARG B 184 1.27 -30.93 -13.01
CA ARG B 184 0.67 -32.25 -13.22
C ARG B 184 0.39 -32.90 -11.87
N ILE B 185 -0.81 -33.45 -11.77
CA ILE B 185 -1.27 -34.11 -10.55
C ILE B 185 -0.43 -35.36 -10.38
N ILE B 186 0.33 -35.41 -9.29
CA ILE B 186 1.10 -36.61 -9.02
C ILE B 186 0.49 -37.47 -7.89
N LYS B 187 -0.53 -36.98 -7.18
CA LYS B 187 -1.17 -37.76 -6.11
C LYS B 187 -2.49 -37.14 -5.71
N GLU B 188 -3.45 -38.06 -5.43
CA GLU B 188 -4.74 -37.74 -4.86
C GLU B 188 -4.69 -38.05 -3.36
N ILE B 189 -5.22 -37.21 -2.49
CA ILE B 189 -5.18 -37.42 -1.04
C ILE B 189 -6.63 -37.39 -0.56
N PHE B 190 -7.11 -38.48 0.06
CA PHE B 190 -8.48 -38.65 0.53
C PHE B 190 -8.50 -38.45 2.02
N PRO B 191 -9.03 -37.38 2.57
CA PRO B 191 -8.99 -37.13 4.02
C PRO B 191 -9.76 -38.16 4.84
N THR B 192 -9.43 -38.15 6.10
CA THR B 192 -9.97 -39.02 7.13
C THR B 192 -10.71 -38.12 8.12
N GLY B 193 -11.66 -38.60 8.93
CA GLY B 193 -12.16 -37.75 10.00
C GLY B 193 -13.55 -37.27 9.76
N ARG B 194 -13.88 -36.04 10.10
CA ARG B 194 -15.20 -35.45 9.94
C ARG B 194 -15.10 -34.86 8.54
N VAL B 195 -15.54 -35.66 7.61
CA VAL B 195 -15.39 -35.48 6.18
C VAL B 195 -16.73 -35.23 5.45
N GLU B 196 -17.85 -35.01 6.15
CA GLU B 196 -19.14 -34.96 5.42
C GLU B 196 -19.34 -33.66 4.67
N HIS B 197 -18.65 -32.56 4.98
CA HIS B 197 -18.86 -31.34 4.17
C HIS B 197 -17.76 -30.34 4.43
N THR B 198 -16.91 -30.14 3.41
CA THR B 198 -15.78 -29.23 3.50
C THR B 198 -15.71 -28.46 2.19
N GLU B 199 -15.74 -27.12 2.27
CA GLU B 199 -15.77 -26.20 1.11
C GLU B 199 -14.73 -25.12 1.28
N GLU B 200 -14.29 -24.57 0.13
CA GLU B 200 -13.51 -23.34 0.05
C GLU B 200 -12.44 -23.16 1.12
N CYS B 201 -11.58 -24.17 1.22
CA CYS B 201 -10.58 -24.16 2.27
C CYS B 201 -9.59 -23.04 2.02
N THR B 202 -9.20 -22.38 3.08
CA THR B 202 -8.15 -21.37 3.11
C THR B 202 -7.02 -22.10 3.86
N CYS B 203 -5.97 -22.41 3.12
CA CYS B 203 -4.86 -23.22 3.56
C CYS B 203 -3.52 -22.49 3.56
N GLY B 204 -2.65 -22.93 4.46
CA GLY B 204 -1.31 -22.42 4.59
C GLY B 204 -0.44 -23.39 5.36
N PHE B 205 0.83 -23.07 5.51
CA PHE B 205 1.79 -23.92 6.21
C PHE B 205 1.96 -23.57 7.66
N ALA B 206 1.73 -24.58 8.48
CA ALA B 206 2.01 -24.44 9.91
C ALA B 206 3.49 -24.75 10.13
N SER B 207 4.11 -25.54 9.27
CA SER B 207 5.53 -25.85 9.35
C SER B 207 5.91 -26.49 8.00
N ASN B 208 7.13 -26.98 7.91
CA ASN B 208 7.56 -27.73 6.76
C ASN B 208 6.88 -29.08 6.67
N LYS B 209 6.17 -29.53 7.70
CA LYS B 209 5.53 -30.86 7.68
C LYS B 209 3.99 -30.80 7.57
N THR B 210 3.40 -29.68 7.91
CA THR B 210 1.95 -29.56 8.00
C THR B 210 1.30 -28.39 7.28
N ILE B 211 0.35 -28.66 6.39
CA ILE B 211 -0.55 -27.64 5.87
C ILE B 211 -1.80 -27.71 6.76
N GLU B 212 -2.35 -26.57 7.16
CA GLU B 212 -3.63 -26.55 7.86
C GLU B 212 -4.57 -25.68 7.06
N CYS B 213 -5.86 -25.94 7.14
CA CYS B 213 -6.89 -25.18 6.41
C CYS B 213 -8.10 -24.91 7.29
N ALA B 214 -8.72 -23.75 7.15
CA ALA B 214 -9.95 -23.37 7.84
C ALA B 214 -10.93 -23.28 6.68
N CYS B 215 -11.99 -24.10 6.71
CA CYS B 215 -12.90 -24.25 5.59
C CYS B 215 -14.31 -23.88 5.92
N ARG B 216 -15.22 -24.03 4.99
CA ARG B 216 -16.62 -23.70 5.15
C ARG B 216 -17.46 -24.96 5.12
N ASP B 217 -18.39 -25.06 6.04
CA ASP B 217 -19.39 -26.13 5.95
C ASP B 217 -20.66 -25.37 5.61
N ASN B 218 -21.20 -25.66 4.45
CA ASN B 218 -22.37 -24.92 3.99
C ASN B 218 -23.71 -25.52 4.38
N SER B 219 -23.65 -26.71 4.96
CA SER B 219 -24.86 -27.43 5.29
C SER B 219 -25.17 -27.62 6.78
N TYR B 220 -24.22 -28.09 7.58
CA TYR B 220 -24.45 -28.57 8.94
C TYR B 220 -24.03 -27.77 10.17
N THR B 221 -22.98 -26.97 10.03
CA THR B 221 -22.44 -26.21 11.15
C THR B 221 -21.88 -24.84 10.75
N ALA B 222 -21.75 -23.99 11.76
CA ALA B 222 -21.16 -22.68 11.74
C ALA B 222 -19.75 -22.78 12.34
N LYS B 223 -19.31 -23.96 12.80
CA LYS B 223 -17.94 -24.19 13.17
C LYS B 223 -17.22 -24.47 11.83
N ARG B 224 -15.98 -24.00 11.63
CA ARG B 224 -15.23 -24.28 10.40
C ARG B 224 -14.58 -25.65 10.43
N PRO B 225 -14.79 -26.53 9.41
CA PRO B 225 -13.97 -27.70 9.22
C PRO B 225 -12.51 -27.26 9.20
N PHE B 226 -11.63 -27.98 9.91
CA PHE B 226 -10.22 -27.65 10.04
C PHE B 226 -9.36 -28.86 9.61
N VAL B 227 -8.61 -28.70 8.52
CA VAL B 227 -7.78 -29.74 7.92
C VAL B 227 -6.37 -29.64 8.47
N LYS B 228 -5.80 -30.78 8.84
CA LYS B 228 -4.38 -30.86 9.11
C LYS B 228 -3.90 -31.86 8.06
N LEU B 229 -2.97 -31.46 7.20
CA LEU B 229 -2.47 -32.28 6.09
C LEU B 229 -1.00 -32.41 6.35
N ASN B 230 -0.57 -33.67 6.42
CA ASN B 230 0.83 -34.02 6.67
C ASN B 230 1.47 -34.20 5.31
N VAL B 231 2.38 -33.30 5.00
CA VAL B 231 3.03 -33.22 3.68
C VAL B 231 4.05 -34.35 3.49
N GLU B 232 4.60 -34.91 4.56
CA GLU B 232 5.59 -35.98 4.39
C GLU B 232 4.89 -37.30 4.13
N THR B 233 3.72 -37.56 4.73
CA THR B 233 3.02 -38.82 4.49
C THR B 233 1.91 -38.71 3.45
N ASP B 234 1.60 -37.47 3.06
CA ASP B 234 0.52 -37.12 2.14
C ASP B 234 -0.80 -37.75 2.57
N THR B 235 -1.06 -37.50 3.86
CA THR B 235 -2.33 -37.90 4.46
C THR B 235 -2.98 -36.64 5.04
N ALA B 236 -4.29 -36.59 5.15
CA ALA B 236 -4.99 -35.45 5.75
C ALA B 236 -6.07 -35.97 6.69
N GLU B 237 -6.43 -35.21 7.73
CA GLU B 237 -7.52 -35.51 8.64
C GLU B 237 -8.27 -34.19 8.89
N ILE B 238 -9.60 -34.23 9.00
CA ILE B 238 -10.43 -33.05 9.20
C ILE B 238 -11.24 -33.23 10.47
N ARG B 239 -11.33 -32.17 11.29
CA ARG B 239 -12.24 -32.11 12.44
C ARG B 239 -12.76 -30.68 12.54
N LEU B 240 -13.90 -30.46 13.18
CA LEU B 240 -14.41 -29.14 13.38
C LEU B 240 -13.56 -28.41 14.40
N MET B 241 -13.34 -27.11 14.19
CA MET B 241 -12.61 -26.28 15.15
C MET B 241 -13.51 -26.26 16.37
N CYS B 242 -12.95 -26.41 17.57
CA CYS B 242 -13.77 -26.43 18.78
C CYS B 242 -13.98 -25.08 19.44
N THR B 243 -13.30 -24.01 18.99
CA THR B 243 -13.42 -22.69 19.61
C THR B 243 -14.88 -22.22 19.64
N GLU B 244 -15.23 -21.63 20.78
CA GLU B 244 -16.52 -21.02 20.91
C GLU B 244 -16.67 -19.83 19.96
N THR B 245 -15.59 -19.27 19.39
CA THR B 245 -15.65 -18.13 18.47
C THR B 245 -15.94 -18.70 17.09
N TYR B 246 -17.20 -19.01 16.76
CA TYR B 246 -17.52 -19.69 15.51
C TYR B 246 -17.18 -18.71 14.38
N LEU B 247 -16.36 -19.16 13.44
CA LEU B 247 -15.92 -18.26 12.39
C LEU B 247 -16.82 -18.19 11.19
N ASP B 248 -17.82 -19.04 11.01
CA ASP B 248 -18.70 -18.92 9.86
C ASP B 248 -19.79 -17.84 9.91
N THR B 249 -20.49 -17.55 8.81
CA THR B 249 -21.64 -16.65 8.78
C THR B 249 -22.67 -17.34 7.90
N PRO B 250 -23.93 -17.62 8.30
CA PRO B 250 -24.44 -17.34 9.65
C PRO B 250 -23.79 -18.20 10.73
N ARG B 251 -24.04 -17.80 11.98
CA ARG B 251 -23.54 -18.48 13.16
C ARG B 251 -24.47 -18.09 14.31
N PRO B 252 -24.59 -18.95 15.33
CA PRO B 252 -25.25 -18.60 16.58
C PRO B 252 -24.28 -17.81 17.46
N ASP B 253 -24.72 -17.40 18.64
CA ASP B 253 -23.88 -16.68 19.57
C ASP B 253 -22.70 -17.54 19.98
N ASP B 254 -21.57 -16.90 20.25
CA ASP B 254 -20.36 -17.58 20.65
C ASP B 254 -20.59 -18.43 21.86
N GLY B 255 -20.13 -19.65 21.80
CA GLY B 255 -20.26 -20.52 22.96
C GLY B 255 -21.62 -21.13 23.17
N SER B 256 -22.59 -20.90 22.30
CA SER B 256 -23.92 -21.48 22.48
C SER B 256 -24.03 -22.92 21.97
N ILE B 257 -23.09 -23.44 21.17
CA ILE B 257 -23.17 -24.83 20.70
C ILE B 257 -22.57 -25.68 21.83
N THR B 258 -23.51 -26.34 22.46
CA THR B 258 -23.20 -27.20 23.59
C THR B 258 -22.79 -28.60 23.12
N GLY B 259 -22.32 -29.37 24.10
CA GLY B 259 -21.90 -30.75 23.83
C GLY B 259 -20.45 -30.81 23.38
N PRO B 260 -19.94 -31.95 22.87
CA PRO B 260 -18.51 -32.11 22.59
C PRO B 260 -18.03 -31.26 21.40
N CYS B 261 -16.73 -31.19 21.14
CA CYS B 261 -16.19 -30.37 20.05
C CYS B 261 -16.78 -30.61 18.68
N GLU B 262 -17.11 -31.85 18.37
CA GLU B 262 -17.64 -32.17 17.04
C GLU B 262 -19.12 -31.83 16.91
N SER B 263 -19.87 -31.35 17.93
CA SER B 263 -21.30 -31.08 17.78
C SER B 263 -21.53 -30.01 16.71
N ASN B 264 -22.47 -30.26 15.81
CA ASN B 264 -22.75 -29.28 14.75
C ASN B 264 -23.40 -27.99 15.26
N GLY B 265 -24.38 -28.06 16.17
CA GLY B 265 -25.10 -26.87 16.58
C GLY B 265 -26.03 -26.29 15.51
N ASP B 266 -26.53 -25.16 15.89
CA ASP B 266 -27.60 -24.34 15.30
C ASP B 266 -27.12 -23.38 14.18
N LYS B 267 -27.97 -22.88 13.29
CA LYS B 267 -27.61 -21.87 12.26
C LYS B 267 -26.39 -22.29 11.40
N GLY B 268 -26.50 -23.57 11.08
CA GLY B 268 -25.47 -24.24 10.35
C GLY B 268 -25.57 -24.10 8.84
N ARG B 269 -26.73 -23.83 8.26
CA ARG B 269 -26.90 -23.88 6.82
C ARG B 269 -26.41 -22.54 6.31
N GLY B 270 -25.76 -22.54 5.15
CA GLY B 270 -25.20 -21.32 4.62
C GLY B 270 -23.75 -21.20 5.07
N GLY B 271 -22.99 -20.20 4.65
CA GLY B 271 -21.60 -20.14 5.03
C GLY B 271 -20.93 -19.03 4.25
N ILE B 272 -19.62 -18.88 4.48
CA ILE B 272 -18.79 -17.87 3.85
C ILE B 272 -17.37 -18.42 3.95
N LYS B 273 -16.53 -18.13 2.93
CA LYS B 273 -15.13 -18.54 2.96
C LYS B 273 -14.43 -17.60 3.93
N GLY B 274 -13.56 -18.11 4.79
CA GLY B 274 -12.92 -17.36 5.85
C GLY B 274 -11.42 -17.27 5.79
N GLY B 275 -10.93 -16.09 6.19
CA GLY B 275 -9.49 -15.86 6.24
C GLY B 275 -8.83 -16.63 7.35
N PHE B 276 -7.64 -17.11 7.03
CA PHE B 276 -6.81 -17.82 7.98
C PHE B 276 -5.36 -17.72 7.54
N VAL B 277 -4.42 -17.41 8.41
CA VAL B 277 -3.01 -17.40 8.01
C VAL B 277 -2.17 -17.69 9.25
N HIS B 278 -0.99 -18.25 9.04
CA HIS B 278 -0.09 -18.64 10.12
C HIS B 278 1.03 -17.64 10.36
N GLN B 279 1.39 -17.51 11.63
CA GLN B 279 2.53 -16.78 12.10
C GLN B 279 3.44 -17.78 12.77
N ARG B 280 4.43 -18.25 12.04
CA ARG B 280 5.35 -19.25 12.52
C ARG B 280 6.53 -18.64 13.25
N MET B 281 6.67 -19.02 14.50
CA MET B 281 7.79 -18.56 15.33
C MET B 281 8.66 -19.75 15.68
N ALA B 282 9.81 -19.61 16.29
CA ALA B 282 10.68 -20.76 16.56
C ALA B 282 10.03 -21.79 17.49
N SER B 283 9.23 -21.31 18.44
CA SER B 283 8.64 -22.24 19.40
C SER B 283 7.17 -22.02 19.65
N LYS B 284 6.46 -21.26 18.80
CA LYS B 284 5.08 -20.88 19.05
C LYS B 284 4.46 -20.74 17.65
N ILE B 285 3.18 -20.96 17.45
CA ILE B 285 2.54 -20.77 16.15
C ILE B 285 1.31 -19.92 16.45
N GLY B 286 1.16 -18.82 15.73
CA GLY B 286 0.00 -17.96 15.81
C GLY B 286 -0.94 -18.32 14.68
N ARG B 287 -2.21 -18.49 14.98
CA ARG B 287 -3.23 -18.77 13.98
C ARG B 287 -4.19 -17.58 13.99
N TRP B 288 -4.18 -16.88 12.87
CA TRP B 288 -4.94 -15.63 12.69
C TRP B 288 -6.13 -15.96 11.79
N TYR B 289 -7.31 -15.44 12.11
CA TYR B 289 -8.58 -15.72 11.45
C TYR B 289 -9.45 -14.49 11.36
N SER B 290 -10.40 -14.44 10.42
CA SER B 290 -11.29 -13.31 10.31
C SER B 290 -12.73 -13.76 10.19
N ARG B 291 -13.68 -12.98 10.67
CA ARG B 291 -15.09 -13.34 10.46
C ARG B 291 -15.89 -12.06 10.42
N THR B 292 -17.06 -12.07 9.78
CA THR B 292 -17.90 -10.89 9.65
C THR B 292 -18.34 -10.38 11.02
N MET B 293 -18.64 -9.11 11.10
CA MET B 293 -19.09 -8.57 12.35
C MET B 293 -20.55 -9.02 12.57
N SER B 294 -21.41 -9.03 11.56
CA SER B 294 -22.79 -9.50 11.73
C SER B 294 -22.72 -11.01 11.90
N LYS B 295 -23.62 -11.58 12.72
CA LYS B 295 -23.68 -13.02 12.86
C LYS B 295 -24.43 -13.63 11.69
N THR B 296 -25.28 -12.86 11.02
CA THR B 296 -26.09 -13.41 9.95
C THR B 296 -25.87 -12.86 8.56
N GLU B 297 -25.26 -11.70 8.39
CA GLU B 297 -25.12 -11.06 7.07
C GLU B 297 -23.64 -10.82 6.78
N ARG B 298 -23.32 -10.52 5.52
CA ARG B 298 -21.92 -10.30 5.11
C ARG B 298 -21.58 -8.82 5.27
N MET B 299 -21.54 -8.37 6.53
CA MET B 299 -21.34 -6.98 6.93
C MET B 299 -20.27 -6.97 8.02
N GLY B 300 -19.24 -6.16 7.79
CA GLY B 300 -18.05 -6.04 8.63
C GLY B 300 -17.07 -7.21 8.56
N MET B 301 -15.93 -7.06 9.24
CA MET B 301 -14.90 -8.07 9.32
C MET B 301 -13.95 -7.73 10.48
N GLU B 302 -13.76 -8.70 11.38
CA GLU B 302 -12.94 -8.58 12.57
C GLU B 302 -11.90 -9.69 12.55
N LEU B 303 -10.76 -9.35 13.14
CA LEU B 303 -9.57 -10.18 13.16
C LEU B 303 -9.52 -10.89 14.52
N TYR B 304 -9.02 -12.13 14.57
CA TYR B 304 -8.87 -12.91 15.82
C TYR B 304 -7.57 -13.69 15.80
N VAL B 305 -6.96 -13.99 16.95
CA VAL B 305 -5.76 -14.80 17.01
C VAL B 305 -5.75 -15.77 18.20
N ARG B 306 -5.04 -16.87 18.02
CA ARG B 306 -4.74 -17.78 19.12
C ARG B 306 -3.39 -18.40 18.86
N TYR B 307 -2.57 -18.46 19.88
CA TYR B 307 -1.25 -19.03 19.80
C TYR B 307 -1.30 -20.41 20.45
N ASP B 308 -0.74 -21.33 19.68
CA ASP B 308 -0.60 -22.74 20.01
C ASP B 308 -1.92 -23.46 20.24
N GLY B 309 -1.88 -24.59 20.97
CA GLY B 309 -3.06 -25.37 21.28
C GLY B 309 -3.45 -26.23 20.12
N ASP B 310 -4.59 -26.91 20.20
CA ASP B 310 -5.03 -27.79 19.14
C ASP B 310 -6.39 -27.25 18.76
N PRO B 311 -6.57 -26.70 17.55
CA PRO B 311 -7.85 -26.16 17.08
C PRO B 311 -9.00 -27.17 17.19
N TRP B 312 -8.70 -28.45 17.11
CA TRP B 312 -9.70 -29.51 17.16
C TRP B 312 -10.26 -29.75 18.57
N THR B 313 -9.53 -29.40 19.63
CA THR B 313 -10.03 -29.66 20.98
C THR B 313 -10.12 -28.41 21.85
N ASP B 314 -9.51 -27.27 21.52
CA ASP B 314 -9.61 -26.10 22.37
C ASP B 314 -10.93 -25.37 22.20
N SER B 315 -11.78 -25.33 23.22
CA SER B 315 -13.01 -24.59 23.13
C SER B 315 -12.82 -23.11 23.50
N ASP B 316 -11.66 -22.68 24.01
CA ASP B 316 -11.47 -21.30 24.44
C ASP B 316 -11.68 -20.30 23.31
N ALA B 317 -12.18 -19.14 23.67
CA ALA B 317 -12.34 -18.05 22.70
C ALA B 317 -11.01 -17.65 22.07
N LEU B 318 -11.14 -17.25 20.82
CA LEU B 318 -10.07 -16.65 20.03
C LEU B 318 -9.95 -15.23 20.57
N ALA B 319 -8.80 -14.60 20.56
CA ALA B 319 -8.66 -13.25 21.08
C ALA B 319 -8.97 -12.24 19.97
N HIS B 320 -9.90 -11.32 20.21
CA HIS B 320 -10.25 -10.30 19.23
C HIS B 320 -9.05 -9.36 19.02
N SER B 321 -8.70 -9.11 17.75
CA SER B 321 -7.55 -8.29 17.42
C SER B 321 -7.78 -7.16 16.42
N GLY B 322 -8.99 -6.62 16.39
CA GLY B 322 -9.26 -5.41 15.60
C GLY B 322 -10.41 -5.52 14.64
N VAL B 323 -11.05 -4.39 14.43
CA VAL B 323 -12.10 -4.27 13.44
C VAL B 323 -11.42 -3.86 12.12
N MET B 324 -11.45 -4.72 11.13
CA MET B 324 -10.86 -4.41 9.82
C MET B 324 -11.93 -3.75 8.94
N VAL B 325 -13.22 -4.10 9.08
CA VAL B 325 -14.28 -3.53 8.26
C VAL B 325 -15.42 -3.31 9.26
N SER B 326 -15.98 -2.13 9.35
CA SER B 326 -17.07 -1.83 10.26
C SER B 326 -18.37 -2.51 9.82
N MET B 327 -19.32 -2.61 10.73
CA MET B 327 -20.65 -3.15 10.45
C MET B 327 -21.37 -2.46 9.27
N LYS B 328 -20.96 -1.22 8.95
CA LYS B 328 -21.54 -0.37 7.91
C LYS B 328 -21.07 -0.79 6.52
N GLU B 329 -19.99 -1.53 6.42
CA GLU B 329 -19.36 -1.85 5.14
C GLU B 329 -19.46 -3.33 4.85
N PRO B 330 -19.45 -3.77 3.57
CA PRO B 330 -19.47 -5.18 3.16
C PRO B 330 -18.26 -5.98 3.59
N GLY B 331 -18.51 -7.17 4.13
CA GLY B 331 -17.43 -8.08 4.47
C GLY B 331 -17.83 -9.40 3.90
N TRP B 332 -17.32 -9.83 2.73
CA TRP B 332 -17.72 -11.07 2.14
C TRP B 332 -16.58 -12.09 2.26
N TYR B 333 -15.97 -12.70 1.24
CA TYR B 333 -14.92 -13.67 1.47
C TYR B 333 -13.65 -13.10 2.10
N SER B 334 -12.89 -13.87 2.90
CA SER B 334 -11.56 -13.45 3.29
C SER B 334 -10.61 -14.63 3.09
N PHE B 335 -9.30 -14.41 3.05
CA PHE B 335 -8.35 -15.44 2.66
C PHE B 335 -7.03 -15.07 3.28
N GLY B 336 -6.11 -16.01 3.45
CA GLY B 336 -4.80 -15.65 3.95
C GLY B 336 -3.80 -15.71 2.80
N PHE B 337 -2.64 -15.07 2.93
CA PHE B 337 -1.53 -15.19 2.02
C PHE B 337 -0.29 -14.66 2.70
N GLU B 338 0.87 -14.94 2.13
CA GLU B 338 2.12 -14.49 2.69
C GLU B 338 2.95 -13.79 1.62
N ILE B 339 3.55 -12.68 2.00
CA ILE B 339 4.47 -11.91 1.18
C ILE B 339 5.89 -12.36 1.59
N LYS B 340 6.78 -12.52 0.65
CA LYS B 340 8.14 -12.95 0.93
C LYS B 340 9.05 -11.73 1.10
N ASP B 341 9.46 -11.46 2.33
CA ASP B 341 10.47 -10.45 2.61
C ASP B 341 11.84 -11.12 2.32
N LYS B 342 12.97 -10.44 2.50
CA LYS B 342 14.28 -11.01 2.22
C LYS B 342 14.58 -12.28 3.02
N LYS B 343 14.34 -12.36 4.32
CA LYS B 343 14.73 -13.52 5.13
C LYS B 343 13.53 -14.22 5.82
N CYS B 344 12.31 -13.67 5.69
CA CYS B 344 11.16 -14.15 6.43
C CYS B 344 9.86 -13.89 5.68
N ASP B 345 8.77 -14.51 6.13
CA ASP B 345 7.45 -14.42 5.51
C ASP B 345 6.50 -13.51 6.29
N VAL B 346 5.72 -12.67 5.63
CA VAL B 346 4.82 -11.72 6.24
C VAL B 346 3.39 -12.26 6.03
N PRO B 347 2.70 -12.67 7.11
CA PRO B 347 1.31 -13.16 7.04
C PRO B 347 0.34 -11.99 6.88
N CYS B 348 -0.62 -12.21 6.00
CA CYS B 348 -1.66 -11.23 5.69
C CYS B 348 -3.02 -11.91 5.46
N ILE B 349 -4.08 -11.11 5.62
CA ILE B 349 -5.42 -11.52 5.28
C ILE B 349 -6.05 -10.46 4.35
N GLY B 350 -6.68 -10.90 3.27
CA GLY B 350 -7.37 -10.02 2.36
C GLY B 350 -8.85 -10.24 2.53
N ILE B 351 -9.64 -9.22 2.24
CA ILE B 351 -11.08 -9.20 2.46
C ILE B 351 -11.77 -8.70 1.18
N GLU B 352 -12.59 -9.55 0.59
CA GLU B 352 -13.45 -9.15 -0.52
C GLU B 352 -14.57 -8.29 0.02
N MET B 353 -14.77 -7.10 -0.52
CA MET B 353 -15.82 -6.20 -0.02
C MET B 353 -16.74 -5.98 -1.21
N VAL B 354 -17.79 -6.79 -1.29
CA VAL B 354 -18.69 -6.80 -2.44
C VAL B 354 -19.61 -5.62 -2.43
N HIS B 355 -19.84 -5.08 -3.64
CA HIS B 355 -20.76 -4.02 -3.95
C HIS B 355 -21.99 -4.78 -4.43
N ASP B 356 -23.01 -4.90 -3.60
CA ASP B 356 -24.19 -5.65 -3.95
C ASP B 356 -25.38 -4.70 -3.95
N GLY B 357 -25.96 -4.46 -5.11
CA GLY B 357 -27.18 -3.70 -5.23
C GLY B 357 -28.28 -4.56 -5.81
N GLY B 358 -28.10 -5.88 -5.71
CA GLY B 358 -29.04 -6.83 -6.25
C GLY B 358 -28.78 -7.11 -7.71
N LYS B 359 -29.66 -7.95 -8.21
CA LYS B 359 -29.69 -8.48 -9.58
C LYS B 359 -29.91 -7.37 -10.65
N LYS B 360 -30.50 -6.26 -10.21
CA LYS B 360 -30.86 -5.10 -11.03
C LYS B 360 -29.68 -4.21 -11.47
N THR B 361 -28.49 -4.43 -10.94
CA THR B 361 -27.35 -3.58 -11.28
C THR B 361 -26.09 -4.42 -11.35
N TRP B 362 -24.94 -3.80 -11.57
CA TRP B 362 -23.69 -4.56 -11.63
C TRP B 362 -23.40 -5.12 -10.23
N HIS B 363 -22.55 -6.13 -10.15
CA HIS B 363 -22.22 -6.77 -8.88
C HIS B 363 -20.72 -7.01 -8.91
N SER B 364 -19.91 -6.51 -7.97
CA SER B 364 -18.46 -6.73 -8.04
C SER B 364 -17.84 -6.46 -6.67
N ALA B 365 -16.53 -6.21 -6.53
CA ALA B 365 -15.91 -6.11 -5.22
C ALA B 365 -14.60 -5.35 -5.21
N ALA B 366 -14.29 -4.74 -4.05
CA ALA B 366 -12.99 -4.18 -3.70
C ALA B 366 -12.29 -5.27 -2.89
N THR B 367 -10.97 -5.16 -2.75
CA THR B 367 -10.17 -6.07 -1.94
C THR B 367 -9.35 -5.24 -0.97
N ALA B 368 -9.53 -5.52 0.33
CA ALA B 368 -8.83 -4.85 1.44
C ALA B 368 -7.71 -5.76 1.93
N ILE B 369 -6.51 -5.24 2.22
CA ILE B 369 -5.41 -6.07 2.68
C ILE B 369 -4.91 -5.63 4.05
N TYR B 370 -4.81 -6.57 4.99
CA TYR B 370 -4.25 -6.32 6.32
C TYR B 370 -3.06 -7.26 6.53
N CYS B 371 -1.94 -6.83 7.13
CA CYS B 371 -0.79 -7.69 7.31
C CYS B 371 -0.20 -7.49 8.69
N LEU B 372 0.49 -8.53 9.17
CA LEU B 372 1.26 -8.49 10.41
C LEU B 372 2.25 -7.37 10.19
N MET B 373 2.26 -6.40 11.07
CA MET B 373 3.12 -5.24 10.88
C MET B 373 3.39 -4.57 12.23
N GLY B 374 4.60 -4.66 12.74
CA GLY B 374 4.99 -4.01 13.96
C GLY B 374 4.29 -4.60 15.16
N SER B 375 4.10 -3.81 16.20
CA SER B 375 3.50 -4.29 17.45
C SER B 375 2.45 -3.30 17.91
N GLY B 376 1.87 -3.47 19.08
CA GLY B 376 0.84 -2.56 19.56
C GLY B 376 -0.51 -3.11 19.11
N GLN B 377 -1.52 -2.34 18.76
CA GLN B 377 -2.76 -2.95 18.30
C GLN B 377 -3.25 -2.40 16.95
N LEU B 378 -4.14 -3.10 16.26
CA LEU B 378 -4.70 -2.69 14.98
C LEU B 378 -5.45 -1.39 15.14
N LEU B 379 -5.11 -0.48 14.24
CA LEU B 379 -5.55 0.91 14.31
C LEU B 379 -6.68 1.40 13.42
N TRP B 380 -6.96 0.92 12.21
CA TRP B 380 -8.00 1.54 11.40
C TRP B 380 -8.67 0.51 10.53
N ASP B 381 -9.88 0.85 10.17
CA ASP B 381 -10.73 0.04 9.31
C ASP B 381 -10.69 0.53 7.86
N THR B 382 -11.37 -0.19 6.99
CA THR B 382 -11.38 0.03 5.55
C THR B 382 -12.80 0.27 5.07
N VAL B 383 -12.99 1.31 4.27
CA VAL B 383 -14.23 1.60 3.55
C VAL B 383 -13.98 1.48 2.03
N THR B 384 -14.93 1.06 1.19
CA THR B 384 -14.61 0.95 -0.24
C THR B 384 -14.66 2.35 -0.91
N GLY B 385 -15.41 3.29 -0.34
CA GLY B 385 -15.65 4.62 -0.92
C GLY B 385 -16.56 4.60 -2.14
N VAL B 386 -17.22 3.51 -2.53
CA VAL B 386 -17.97 3.45 -3.78
C VAL B 386 -19.44 3.74 -3.53
N ASP B 387 -19.98 4.64 -4.37
CA ASP B 387 -21.39 4.92 -4.39
C ASP B 387 -21.83 4.12 -5.60
N MET B 388 -22.58 3.02 -5.44
CA MET B 388 -23.05 2.21 -6.55
C MET B 388 -24.01 2.95 -7.49
N ALA B 389 -24.55 4.14 -7.21
CA ALA B 389 -25.42 4.87 -8.14
C ALA B 389 -24.68 5.63 -9.27
N LEU B 390 -23.37 5.87 -9.15
CA LEU B 390 -22.66 6.74 -10.09
C LEU B 390 -22.21 5.98 -11.31
#